data_3BNM
#
_entry.id   3BNM
#
_cell.length_a   162.237
_cell.length_b   103.969
_cell.length_c   77.583
_cell.angle_alpha   90.000
_cell.angle_beta   94.900
_cell.angle_gamma   90.000
#
_symmetry.space_group_name_H-M   'C 1 2 1'
#
loop_
_entity.id
_entity.type
_entity.pdbx_description
1 polymer 'Polyamine oxidase FMS1'
2 non-polymer 'FLAVIN-ADENINE DINUCLEOTIDE'
3 non-polymer "(3R,3'R)-N~1~,N~1~'-butane-1,4-diyldibutane-1,3-diamine"
4 water water
#
_entity_poly.entity_id   1
_entity_poly.type   'polypeptide(L)'
_entity_poly.pdbx_seq_one_letter_code
;MNTVSPAKKKVIIIGAGIAGLKAASTLHQNGIQDCLVLEARDRVGGRLQTVTGYQGRKYDIGASWHHDTLTNPLFLEEAQ
LSLNDGRTRFVFDDDNFIYIDEERGRVDHDKELLLEIVDNEMSKFAELEFHQHLGVSDCSFFQLVMKYLLQRRQFLTNDQ
IRYLPQLCRYLELWHGLDWKLLSAKDTYFGHQGRNAFALNYDSVVQRIAQSFPQNWLKLSCEVKSITREPSKNVTVNCED
GTVYNADYVIITVPQSVLNLSVQPEKNLRGRIEFQPPLKPVIQDAFDKIHFGALGKVIFEFEECCWSNESSKIVTLANST
NEFVEIVRNAENLDELDSMLEREDSQKHTSVTCWSQPLFFVNLSKSTGVASFMMLMQAPLTNHIESIREDKERLFSFFQP
VLNKIMKCLDSEDVIDGMRPIENIANANKPVLRNIIVSNWTRDPYSRGAYSACFPGDDPVDMVVAMSNGQDSRIRFAGEH
TIMDGAGCAYGAWESGRREATRISDLLKLEHHHHHH
;
_entity_poly.pdbx_strand_id   B,A
#
# COMPACT_ATOMS: atom_id res chain seq x y z
N LYS A 8 -20.11 -46.37 -14.31
CA LYS A 8 -21.22 -46.57 -13.33
C LYS A 8 -21.38 -45.35 -12.43
N LYS A 9 -20.38 -44.46 -12.46
CA LYS A 9 -20.42 -43.25 -11.63
C LYS A 9 -20.64 -41.95 -12.42
N LYS A 10 -21.42 -41.04 -11.83
CA LYS A 10 -21.67 -39.75 -12.43
C LYS A 10 -20.36 -38.98 -12.48
N VAL A 11 -19.73 -38.83 -11.31
CA VAL A 11 -18.47 -38.12 -11.19
C VAL A 11 -17.49 -38.83 -10.25
N ILE A 12 -16.23 -38.92 -10.66
CA ILE A 12 -15.19 -39.50 -9.83
C ILE A 12 -14.18 -38.37 -9.55
N ILE A 13 -14.08 -38.00 -8.28
CA ILE A 13 -13.18 -36.93 -7.87
C ILE A 13 -11.89 -37.53 -7.35
N ILE A 14 -10.77 -37.12 -7.95
CA ILE A 14 -9.47 -37.62 -7.54
C ILE A 14 -8.78 -36.63 -6.61
N GLY A 15 -8.52 -37.07 -5.37
CA GLY A 15 -7.89 -36.20 -4.39
C GLY A 15 -8.92 -35.71 -3.41
N ALA A 16 -8.65 -35.86 -2.11
CA ALA A 16 -9.59 -35.43 -1.09
C ALA A 16 -9.11 -34.21 -0.32
N GLY A 17 -8.45 -33.29 -1.03
CA GLY A 17 -8.00 -32.05 -0.43
C GLY A 17 -9.21 -31.13 -0.41
N ILE A 18 -9.04 -29.85 -0.06
CA ILE A 18 -10.20 -28.96 -0.01
C ILE A 18 -10.91 -28.79 -1.35
N ALA A 19 -10.14 -28.86 -2.44
CA ALA A 19 -10.70 -28.74 -3.78
C ALA A 19 -11.62 -29.93 -4.04
N GLY A 20 -11.07 -31.13 -3.94
CA GLY A 20 -11.86 -32.33 -4.15
C GLY A 20 -13.05 -32.45 -3.21
N LEU A 21 -12.85 -32.15 -1.93
CA LEU A 21 -13.94 -32.25 -0.96
C LEU A 21 -15.09 -31.26 -1.22
N LYS A 22 -14.79 -30.01 -1.53
CA LYS A 22 -15.83 -29.03 -1.79
C LYS A 22 -16.65 -29.47 -3.01
N ALA A 23 -15.94 -29.95 -4.03
CA ALA A 23 -16.58 -30.43 -5.24
C ALA A 23 -17.60 -31.50 -4.89
N ALA A 24 -17.14 -32.56 -4.23
CA ALA A 24 -18.03 -33.65 -3.85
C ALA A 24 -19.17 -33.11 -2.99
N SER A 25 -18.86 -32.16 -2.12
CA SER A 25 -19.87 -31.56 -1.27
C SER A 25 -20.89 -30.82 -2.12
N THR A 26 -20.41 -30.14 -3.15
CA THR A 26 -21.27 -29.36 -4.03
C THR A 26 -22.17 -30.24 -4.87
N LEU A 27 -21.62 -31.33 -5.41
CA LEU A 27 -22.39 -32.25 -6.22
C LEU A 27 -23.58 -32.77 -5.40
N HIS A 28 -23.29 -33.33 -4.23
CA HIS A 28 -24.35 -33.85 -3.38
C HIS A 28 -25.40 -32.75 -3.17
N GLN A 29 -24.94 -31.55 -2.82
CA GLN A 29 -25.81 -30.40 -2.57
C GLN A 29 -26.77 -30.13 -3.73
N ASN A 30 -26.36 -30.47 -4.96
CA ASN A 30 -27.22 -30.27 -6.11
C ASN A 30 -27.97 -31.52 -6.57
N GLY A 31 -28.12 -32.49 -5.66
CA GLY A 31 -28.86 -33.70 -5.96
C GLY A 31 -28.24 -34.78 -6.83
N ILE A 32 -27.01 -34.59 -7.29
CA ILE A 32 -26.36 -35.60 -8.11
C ILE A 32 -25.91 -36.75 -7.22
N GLN A 33 -26.15 -37.98 -7.67
CA GLN A 33 -25.79 -39.15 -6.89
C GLN A 33 -24.80 -40.05 -7.62
N ASP A 34 -24.35 -41.10 -6.93
CA ASP A 34 -23.41 -42.06 -7.49
C ASP A 34 -22.05 -41.44 -7.84
N CYS A 35 -21.40 -40.85 -6.84
CA CYS A 35 -20.10 -40.21 -7.03
C CYS A 35 -19.03 -40.76 -6.07
N LEU A 36 -17.77 -40.71 -6.51
CA LEU A 36 -16.64 -41.19 -5.72
C LEU A 36 -15.59 -40.10 -5.45
N VAL A 37 -14.70 -40.41 -4.51
CA VAL A 37 -13.60 -39.53 -4.13
C VAL A 37 -12.42 -40.44 -3.81
N LEU A 38 -11.47 -40.53 -4.75
CA LEU A 38 -10.31 -41.39 -4.55
C LEU A 38 -9.09 -40.60 -4.01
N GLU A 39 -8.69 -40.94 -2.78
CA GLU A 39 -7.56 -40.29 -2.14
C GLU A 39 -6.42 -41.29 -1.92
N ALA A 40 -5.19 -40.91 -2.29
CA ALA A 40 -4.02 -41.77 -2.14
C ALA A 40 -3.66 -42.01 -0.66
N ARG A 41 -3.66 -40.95 0.14
CA ARG A 41 -3.32 -41.04 1.57
C ARG A 41 -4.43 -41.76 2.32
N ASP A 42 -4.17 -42.05 3.60
CA ASP A 42 -5.16 -42.73 4.43
C ASP A 42 -5.93 -41.71 5.24
N ARG A 43 -6.01 -40.48 4.74
CA ARG A 43 -6.72 -39.41 5.41
C ARG A 43 -7.12 -38.38 4.36
N VAL A 44 -8.02 -37.48 4.74
CA VAL A 44 -8.47 -36.42 3.84
C VAL A 44 -7.75 -35.14 4.28
N GLY A 45 -8.03 -34.02 3.61
CA GLY A 45 -7.39 -32.78 4.01
C GLY A 45 -6.28 -32.30 3.08
N GLY A 46 -5.57 -33.23 2.46
CA GLY A 46 -4.50 -32.86 1.57
C GLY A 46 -3.46 -32.00 2.26
N ARG A 47 -3.21 -30.81 1.72
CA ARG A 47 -2.25 -29.93 2.32
C ARG A 47 -2.81 -29.19 3.53
N LEU A 48 -3.97 -29.62 3.98
CA LEU A 48 -4.57 -29.04 5.20
C LEU A 48 -4.48 -30.14 6.24
N GLN A 49 -3.46 -30.10 7.10
CA GLN A 49 -3.32 -31.11 8.15
C GLN A 49 -3.06 -30.49 9.52
N THR A 50 -3.91 -30.83 10.48
CA THR A 50 -3.76 -30.31 11.85
C THR A 50 -3.18 -31.43 12.71
N VAL A 51 -1.96 -31.23 13.24
CA VAL A 51 -1.33 -32.27 14.07
C VAL A 51 -1.35 -31.93 15.56
N THR A 52 -1.06 -32.95 16.38
CA THR A 52 -1.07 -32.80 17.83
C THR A 52 0.30 -33.03 18.49
N GLY A 53 0.64 -32.19 19.47
CA GLY A 53 1.91 -32.31 20.15
C GLY A 53 1.78 -32.20 21.67
N TYR A 54 2.80 -31.67 22.32
CA TYR A 54 2.83 -31.50 23.77
C TYR A 54 1.49 -31.10 24.41
N GLN A 55 1.15 -31.81 25.49
CA GLN A 55 -0.08 -31.59 26.26
C GLN A 55 -1.31 -31.55 25.38
N GLY A 56 -1.23 -32.18 24.22
CA GLY A 56 -2.37 -32.21 23.31
C GLY A 56 -2.62 -30.96 22.47
N ARG A 57 -1.71 -29.98 22.53
CA ARG A 57 -1.89 -28.75 21.74
C ARG A 57 -2.00 -29.13 20.27
N LYS A 58 -2.77 -28.35 19.50
CA LYS A 58 -2.95 -28.64 18.08
C LYS A 58 -2.34 -27.55 17.20
N TYR A 59 -1.93 -27.93 15.99
CA TYR A 59 -1.33 -26.98 15.05
C TYR A 59 -1.55 -27.35 13.58
N ASP A 60 -1.85 -26.35 12.77
CA ASP A 60 -2.03 -26.58 11.34
C ASP A 60 -0.63 -26.59 10.72
N ILE A 61 -0.09 -27.79 10.51
CA ILE A 61 1.23 -27.92 9.94
C ILE A 61 1.20 -27.55 8.46
N GLY A 62 -0.02 -27.43 7.93
CA GLY A 62 -0.21 -27.05 6.54
C GLY A 62 -0.74 -25.63 6.54
N ALA A 63 -1.82 -25.37 5.81
CA ALA A 63 -2.40 -24.02 5.79
C ALA A 63 -2.90 -23.62 7.18
N SER A 64 -2.70 -22.35 7.52
CA SER A 64 -3.13 -21.82 8.81
C SER A 64 -4.01 -20.58 8.75
N TRP A 65 -3.81 -19.73 7.75
CA TRP A 65 -4.57 -18.47 7.63
C TRP A 65 -5.62 -18.34 6.55
N HIS A 66 -6.63 -17.52 6.86
CA HIS A 66 -7.69 -17.17 5.92
C HIS A 66 -7.15 -15.85 5.35
N HIS A 67 -6.76 -15.85 4.08
CA HIS A 67 -6.25 -14.63 3.44
C HIS A 67 -7.37 -13.82 2.74
N ASP A 68 -7.06 -12.58 2.38
CA ASP A 68 -8.01 -11.72 1.69
C ASP A 68 -9.42 -11.82 2.27
N THR A 69 -9.55 -11.61 3.58
CA THR A 69 -10.83 -11.72 4.24
C THR A 69 -11.96 -10.83 3.76
N LEU A 70 -11.65 -9.85 2.91
CA LEU A 70 -12.66 -8.94 2.40
C LEU A 70 -13.50 -9.59 1.30
N THR A 71 -12.91 -10.54 0.59
CA THR A 71 -13.60 -11.22 -0.50
C THR A 71 -13.53 -12.73 -0.46
N ASN A 72 -12.71 -13.27 0.45
CA ASN A 72 -12.56 -14.72 0.60
C ASN A 72 -13.91 -15.37 0.95
N PRO A 73 -14.54 -16.02 -0.03
CA PRO A 73 -15.85 -16.67 0.17
C PRO A 73 -15.88 -17.78 1.26
N LEU A 74 -14.78 -18.54 1.36
CA LEU A 74 -14.71 -19.59 2.36
C LEU A 74 -14.74 -18.93 3.73
N PHE A 75 -13.93 -17.87 3.91
CA PHE A 75 -13.90 -17.16 5.18
C PHE A 75 -15.28 -16.62 5.51
N LEU A 76 -15.91 -15.98 4.52
CA LEU A 76 -17.24 -15.41 4.71
C LEU A 76 -18.23 -16.48 5.18
N GLU A 77 -18.10 -17.69 4.63
CA GLU A 77 -18.97 -18.80 5.01
C GLU A 77 -18.72 -19.15 6.48
N GLU A 78 -17.44 -19.15 6.86
CA GLU A 78 -17.03 -19.45 8.23
C GLU A 78 -17.48 -18.32 9.16
N ALA A 79 -17.57 -17.12 8.62
CA ALA A 79 -17.99 -15.96 9.39
C ALA A 79 -19.48 -16.04 9.70
N GLN A 80 -20.26 -16.37 8.68
CA GLN A 80 -21.71 -16.50 8.83
C GLN A 80 -22.00 -17.48 9.94
N LEU A 81 -21.39 -18.66 9.85
CA LEU A 81 -21.56 -19.68 10.85
C LEU A 81 -21.33 -19.09 12.22
N SER A 82 -20.12 -18.59 12.47
CA SER A 82 -19.80 -18.02 13.76
C SER A 82 -20.76 -16.92 14.17
N LEU A 83 -21.24 -16.13 13.22
CA LEU A 83 -22.17 -15.07 13.54
C LEU A 83 -23.47 -15.68 14.08
N ASN A 84 -23.86 -16.81 13.50
CA ASN A 84 -25.08 -17.49 13.91
C ASN A 84 -25.00 -18.29 15.21
N ASP A 85 -23.87 -18.96 15.48
CA ASP A 85 -23.75 -19.77 16.69
C ASP A 85 -22.80 -19.30 17.80
N GLY A 86 -22.17 -18.14 17.60
CA GLY A 86 -21.27 -17.63 18.61
C GLY A 86 -19.97 -18.38 18.86
N ARG A 87 -19.73 -19.47 18.14
CA ARG A 87 -18.50 -20.21 18.34
C ARG A 87 -17.28 -19.57 17.69
N THR A 88 -16.11 -19.76 18.30
CA THR A 88 -14.89 -19.19 17.76
C THR A 88 -14.29 -20.13 16.74
N ARG A 89 -14.15 -19.67 15.51
CA ARG A 89 -13.56 -20.48 14.45
C ARG A 89 -12.27 -19.85 13.90
N PHE A 90 -11.93 -18.66 14.39
CA PHE A 90 -10.74 -17.96 13.93
C PHE A 90 -10.46 -16.70 14.74
N VAL A 91 -9.28 -16.13 14.53
CA VAL A 91 -8.89 -14.90 15.23
C VAL A 91 -8.06 -14.04 14.29
N PHE A 92 -8.29 -12.73 14.31
CA PHE A 92 -7.53 -11.81 13.46
C PHE A 92 -6.24 -11.52 14.19
N ASP A 93 -5.17 -12.18 13.76
CA ASP A 93 -3.88 -12.03 14.42
C ASP A 93 -2.86 -11.13 13.76
N ASP A 94 -3.28 -10.28 12.82
CA ASP A 94 -2.32 -9.38 12.22
C ASP A 94 -1.79 -8.52 13.36
N ASP A 95 -0.53 -8.12 13.30
CA ASP A 95 0.03 -7.31 14.38
C ASP A 95 1.24 -6.57 13.83
N ASN A 96 1.80 -5.67 14.63
CA ASN A 96 2.97 -4.94 14.21
C ASN A 96 4.16 -5.87 14.37
N PHE A 97 4.91 -6.04 13.29
CA PHE A 97 6.07 -6.93 13.29
C PHE A 97 7.24 -6.43 14.11
N ILE A 98 7.85 -7.36 14.84
CA ILE A 98 9.04 -7.04 15.60
C ILE A 98 10.17 -7.67 14.79
N TYR A 99 11.19 -6.89 14.48
CA TYR A 99 12.30 -7.40 13.68
C TYR A 99 13.54 -7.50 14.55
N ILE A 100 14.25 -8.62 14.47
CA ILE A 100 15.45 -8.82 15.28
C ILE A 100 16.74 -9.16 14.51
N ASP A 101 17.79 -8.39 14.78
CA ASP A 101 19.11 -8.60 14.19
C ASP A 101 19.97 -9.19 15.31
N GLU A 102 20.68 -10.27 15.03
CA GLU A 102 21.50 -10.93 16.03
C GLU A 102 22.32 -10.00 16.92
N GLU A 103 23.02 -9.06 16.29
CA GLU A 103 23.89 -8.12 17.00
C GLU A 103 23.21 -6.86 17.55
N ARG A 104 22.37 -6.23 16.73
CA ARG A 104 21.72 -5.01 17.14
C ARG A 104 20.43 -5.18 17.93
N GLY A 105 19.81 -6.35 17.81
CA GLY A 105 18.57 -6.57 18.53
C GLY A 105 17.40 -6.08 17.70
N ARG A 106 16.37 -5.52 18.35
CA ARG A 106 15.20 -5.03 17.64
C ARG A 106 15.50 -3.84 16.74
N VAL A 107 14.89 -3.84 15.55
CA VAL A 107 15.07 -2.77 14.57
C VAL A 107 13.73 -2.29 13.99
N ASP A 108 12.64 -2.79 14.57
CA ASP A 108 11.30 -2.41 14.13
C ASP A 108 10.86 -1.05 14.66
N HIS A 109 9.98 -0.38 13.92
CA HIS A 109 9.45 0.93 14.33
C HIS A 109 10.53 1.82 14.96
N ASP A 110 11.72 1.88 14.34
CA ASP A 110 12.83 2.65 14.87
C ASP A 110 12.87 4.12 14.42
N LYS A 111 12.94 5.02 15.39
CA LYS A 111 12.94 6.46 15.12
C LYS A 111 14.10 6.97 14.24
N GLU A 112 15.05 6.11 13.90
CA GLU A 112 16.18 6.52 13.08
C GLU A 112 16.37 5.65 11.84
N LEU A 113 16.12 4.34 11.98
CA LEU A 113 16.25 3.40 10.86
C LEU A 113 15.04 3.49 9.94
N LEU A 114 13.86 3.65 10.55
CA LEU A 114 12.60 3.78 9.83
C LEU A 114 12.55 2.81 8.66
N LEU A 115 12.93 1.55 8.91
CA LEU A 115 12.96 0.55 7.87
C LEU A 115 11.61 0.30 7.19
N GLU A 116 10.53 0.27 7.96
CA GLU A 116 9.20 0.04 7.39
C GLU A 116 8.85 1.07 6.31
N ILE A 117 9.28 2.31 6.50
CA ILE A 117 8.99 3.36 5.53
C ILE A 117 9.72 3.16 4.19
N VAL A 118 11.01 2.85 4.23
CA VAL A 118 11.74 2.62 2.99
C VAL A 118 11.30 1.30 2.37
N ASP A 119 10.79 0.39 3.19
CA ASP A 119 10.30 -0.88 2.67
C ASP A 119 9.08 -0.56 1.81
N ASN A 120 8.30 0.41 2.25
CA ASN A 120 7.13 0.79 1.48
C ASN A 120 7.50 1.49 0.16
N GLU A 121 8.60 2.23 0.15
CA GLU A 121 9.03 2.90 -1.08
C GLU A 121 9.54 1.83 -2.06
N MET A 122 10.20 0.82 -1.49
CA MET A 122 10.75 -0.32 -2.22
C MET A 122 9.63 -0.97 -3.05
N SER A 123 8.54 -1.30 -2.38
CA SER A 123 7.38 -1.92 -3.03
C SER A 123 6.86 -1.05 -4.19
N LYS A 124 6.68 0.23 -3.92
CA LYS A 124 6.21 1.15 -4.95
C LYS A 124 7.16 1.11 -6.13
N PHE A 125 8.45 0.99 -5.82
CA PHE A 125 9.51 0.92 -6.82
C PHE A 125 9.29 -0.28 -7.74
N ALA A 126 9.06 -1.46 -7.14
CA ALA A 126 8.84 -2.68 -7.91
C ALA A 126 7.62 -2.53 -8.81
N GLU A 127 6.58 -1.87 -8.30
CA GLU A 127 5.36 -1.65 -9.05
C GLU A 127 5.63 -0.83 -10.32
N LEU A 128 6.34 0.29 -10.16
CA LEU A 128 6.66 1.14 -11.30
C LEU A 128 7.56 0.40 -12.29
N GLU A 129 8.46 -0.44 -11.78
CA GLU A 129 9.38 -1.19 -12.62
C GLU A 129 8.76 -2.11 -13.67
N PHE A 130 7.70 -2.83 -13.30
CA PHE A 130 7.06 -3.75 -14.23
C PHE A 130 5.73 -3.24 -14.78
N HIS A 131 5.33 -2.04 -14.35
CA HIS A 131 4.07 -1.46 -14.80
C HIS A 131 4.05 -1.26 -16.31
N GLN A 132 3.17 -2.00 -16.99
CA GLN A 132 3.04 -1.88 -18.43
C GLN A 132 4.33 -2.02 -19.21
N HIS A 133 4.73 -3.26 -19.44
CA HIS A 133 5.94 -3.57 -20.19
C HIS A 133 6.10 -5.08 -20.21
N LEU A 134 5.09 -5.77 -19.71
CA LEU A 134 5.10 -7.23 -19.64
C LEU A 134 6.35 -7.65 -18.90
N GLY A 135 6.67 -6.92 -17.83
CA GLY A 135 7.85 -7.22 -17.04
C GLY A 135 9.08 -7.29 -17.91
N VAL A 136 9.45 -6.17 -18.53
CA VAL A 136 10.61 -6.09 -19.42
C VAL A 136 11.81 -6.86 -18.90
N SER A 137 11.88 -8.14 -19.26
CA SER A 137 12.98 -8.99 -18.83
C SER A 137 13.00 -9.05 -17.30
N ASP A 138 12.19 -9.93 -16.73
CA ASP A 138 12.12 -10.07 -15.29
C ASP A 138 13.45 -10.54 -14.69
N CYS A 139 13.60 -10.35 -13.38
CA CYS A 139 14.80 -10.75 -12.67
C CYS A 139 14.40 -11.34 -11.32
N SER A 140 15.39 -11.62 -10.47
CA SER A 140 15.12 -12.18 -9.16
C SER A 140 14.84 -11.07 -8.16
N PHE A 141 14.07 -11.39 -7.12
CA PHE A 141 13.74 -10.40 -6.10
C PHE A 141 15.04 -9.75 -5.65
N PHE A 142 16.08 -10.56 -5.47
CA PHE A 142 17.38 -10.06 -5.05
C PHE A 142 17.92 -8.97 -6.00
N GLN A 143 17.87 -9.24 -7.31
CA GLN A 143 18.36 -8.28 -8.29
C GLN A 143 17.58 -6.96 -8.18
N LEU A 144 16.27 -7.09 -7.97
CA LEU A 144 15.42 -5.91 -7.84
C LEU A 144 15.78 -5.05 -6.62
N VAL A 145 16.05 -5.68 -5.48
CA VAL A 145 16.41 -4.93 -4.28
C VAL A 145 17.73 -4.22 -4.48
N MET A 146 18.68 -4.87 -5.17
CA MET A 146 19.97 -4.25 -5.43
C MET A 146 19.77 -3.03 -6.34
N LYS A 147 18.93 -3.15 -7.36
CA LYS A 147 18.68 -2.04 -8.29
C LYS A 147 18.13 -0.83 -7.52
N TYR A 148 17.22 -1.11 -6.61
CA TYR A 148 16.62 -0.05 -5.80
C TYR A 148 17.71 0.65 -4.99
N LEU A 149 18.52 -0.13 -4.27
CA LEU A 149 19.60 0.40 -3.44
C LEU A 149 20.57 1.28 -4.23
N LEU A 150 20.93 0.83 -5.42
CA LEU A 150 21.86 1.56 -6.25
C LEU A 150 21.23 2.87 -6.73
N GLN A 151 19.97 2.78 -7.12
CA GLN A 151 19.24 3.94 -7.62
C GLN A 151 18.84 4.96 -6.55
N ARG A 152 18.67 4.51 -5.30
CA ARG A 152 18.26 5.44 -4.25
C ARG A 152 19.26 5.69 -3.14
N ARG A 153 20.48 5.17 -3.30
CA ARG A 153 21.51 5.33 -2.28
C ARG A 153 21.63 6.76 -1.76
N GLN A 154 21.52 7.74 -2.65
CA GLN A 154 21.62 9.14 -2.25
C GLN A 154 20.62 9.52 -1.15
N PHE A 155 19.49 8.81 -1.11
CA PHE A 155 18.46 9.12 -0.13
C PHE A 155 18.34 8.09 0.99
N LEU A 156 19.36 7.25 1.14
CA LEU A 156 19.38 6.21 2.18
C LEU A 156 20.62 6.34 3.05
N THR A 157 20.45 6.19 4.37
CA THR A 157 21.57 6.27 5.30
C THR A 157 22.37 4.97 5.18
N ASN A 158 23.43 4.83 5.97
CA ASN A 158 24.22 3.61 5.94
C ASN A 158 23.46 2.41 6.51
N ASP A 159 22.88 2.59 7.69
CA ASP A 159 22.14 1.50 8.30
C ASP A 159 20.90 1.10 7.49
N GLN A 160 20.28 2.05 6.80
CA GLN A 160 19.12 1.72 6.00
C GLN A 160 19.56 0.78 4.89
N ILE A 161 20.68 1.08 4.25
CA ILE A 161 21.19 0.24 3.17
C ILE A 161 21.61 -1.13 3.70
N ARG A 162 22.00 -1.17 4.98
CA ARG A 162 22.42 -2.44 5.56
C ARG A 162 21.26 -3.34 5.99
N TYR A 163 20.30 -2.80 6.73
CA TYR A 163 19.21 -3.63 7.20
C TYR A 163 17.98 -3.77 6.30
N LEU A 164 17.62 -2.71 5.58
CA LEU A 164 16.44 -2.77 4.71
C LEU A 164 16.36 -4.02 3.85
N PRO A 165 17.44 -4.35 3.11
CA PRO A 165 17.37 -5.55 2.26
C PRO A 165 17.20 -6.88 3.01
N GLN A 166 17.56 -6.92 4.29
CA GLN A 166 17.40 -8.14 5.08
C GLN A 166 15.99 -8.20 5.62
N LEU A 167 15.42 -7.03 5.88
CA LEU A 167 14.05 -6.93 6.39
C LEU A 167 13.02 -7.27 5.32
N CYS A 168 13.21 -6.70 4.14
CA CYS A 168 12.30 -6.92 3.02
C CYS A 168 12.16 -8.38 2.62
N ARG A 169 13.15 -9.19 3.00
CA ARG A 169 13.10 -10.61 2.68
C ARG A 169 12.05 -11.40 3.44
N TYR A 170 11.26 -10.75 4.30
CA TYR A 170 10.20 -11.46 5.01
C TYR A 170 9.28 -12.01 3.91
N LEU A 171 9.29 -11.34 2.76
CA LEU A 171 8.47 -11.78 1.64
C LEU A 171 8.86 -13.19 1.19
N GLU A 172 10.04 -13.66 1.59
CA GLU A 172 10.45 -15.01 1.22
C GLU A 172 9.52 -16.00 1.91
N LEU A 173 8.97 -15.61 3.06
CA LEU A 173 8.07 -16.49 3.80
C LEU A 173 6.64 -16.47 3.27
N TRP A 174 6.37 -15.62 2.28
CA TRP A 174 5.04 -15.58 1.66
C TRP A 174 5.07 -16.51 0.47
N HIS A 175 6.21 -16.58 -0.21
CA HIS A 175 6.36 -17.42 -1.40
C HIS A 175 7.02 -18.75 -1.14
N GLY A 176 7.81 -18.84 -0.08
CA GLY A 176 8.50 -20.07 0.24
C GLY A 176 9.76 -20.24 -0.58
N LEU A 177 10.31 -19.12 -1.04
CA LEU A 177 11.52 -19.13 -1.88
C LEU A 177 12.54 -18.05 -1.53
N ASP A 178 13.81 -18.42 -1.63
CA ASP A 178 14.93 -17.52 -1.37
C ASP A 178 14.87 -16.35 -2.37
N TRP A 179 15.38 -15.20 -1.97
CA TRP A 179 15.33 -14.02 -2.83
C TRP A 179 16.18 -14.10 -4.10
N LYS A 180 17.02 -15.12 -4.22
CA LYS A 180 17.81 -15.23 -5.44
C LYS A 180 17.15 -16.21 -6.40
N LEU A 181 16.07 -16.83 -5.93
CA LEU A 181 15.33 -17.80 -6.70
C LEU A 181 13.93 -17.32 -7.04
N LEU A 182 13.48 -16.27 -6.36
CA LEU A 182 12.14 -15.74 -6.56
C LEU A 182 12.04 -14.73 -7.71
N SER A 183 10.98 -14.85 -8.49
CA SER A 183 10.72 -13.93 -9.59
C SER A 183 10.28 -12.58 -9.02
N ALA A 184 10.94 -11.51 -9.44
CA ALA A 184 10.61 -10.16 -8.97
C ALA A 184 9.21 -9.70 -9.38
N LYS A 185 8.80 -10.01 -10.61
CA LYS A 185 7.49 -9.60 -11.11
C LYS A 185 6.33 -10.12 -10.26
N ASP A 186 6.50 -11.29 -9.64
CA ASP A 186 5.42 -11.85 -8.84
C ASP A 186 5.63 -11.72 -7.34
N THR A 187 6.72 -11.09 -6.94
CA THR A 187 7.03 -10.92 -5.52
C THR A 187 5.97 -10.17 -4.74
N TYR A 188 5.58 -8.99 -5.25
CA TYR A 188 4.58 -8.17 -4.58
C TYR A 188 3.16 -8.53 -5.01
N PHE A 189 2.24 -8.57 -4.05
CA PHE A 189 0.86 -8.95 -4.35
C PHE A 189 -0.20 -8.06 -3.71
N GLY A 190 -1.46 -8.33 -4.05
CA GLY A 190 -2.57 -7.56 -3.53
C GLY A 190 -3.21 -8.09 -2.26
N HIS A 191 -2.76 -7.57 -1.12
CA HIS A 191 -3.28 -7.96 0.19
C HIS A 191 -4.73 -7.44 0.29
N GLN A 192 -5.71 -8.24 -0.14
CA GLN A 192 -7.09 -7.79 -0.09
C GLN A 192 -7.72 -7.89 1.30
N GLY A 193 -7.13 -7.20 2.27
CA GLY A 193 -7.66 -7.23 3.61
C GLY A 193 -6.81 -7.98 4.61
N ARG A 194 -7.24 -7.93 5.87
CA ARG A 194 -6.54 -8.60 6.95
C ARG A 194 -6.55 -10.12 6.85
N ASN A 195 -5.68 -10.77 7.62
CA ASN A 195 -5.63 -12.22 7.64
C ASN A 195 -6.27 -12.71 8.93
N ALA A 196 -6.87 -13.89 8.87
CA ALA A 196 -7.53 -14.48 10.02
C ALA A 196 -6.99 -15.89 10.27
N PHE A 197 -6.27 -16.06 11.37
CA PHE A 197 -5.69 -17.35 11.76
C PHE A 197 -6.82 -18.36 12.04
N ALA A 198 -6.83 -19.45 11.28
CA ALA A 198 -7.87 -20.47 11.45
C ALA A 198 -7.67 -21.24 12.74
N LEU A 199 -8.67 -21.22 13.62
CA LEU A 199 -8.55 -21.98 14.85
C LEU A 199 -9.06 -23.37 14.58
N ASN A 200 -8.39 -24.00 13.62
CA ASN A 200 -8.72 -25.34 13.23
C ASN A 200 -9.14 -25.47 11.79
N TYR A 201 -8.18 -25.54 10.86
CA TYR A 201 -8.54 -25.74 9.46
C TYR A 201 -9.13 -27.14 9.35
N ASP A 202 -8.83 -27.98 10.35
CA ASP A 202 -9.35 -29.33 10.39
C ASP A 202 -10.86 -29.26 10.59
N SER A 203 -11.33 -28.25 11.32
CA SER A 203 -12.75 -28.06 11.54
C SER A 203 -13.41 -27.74 10.21
N VAL A 204 -12.68 -27.04 9.35
CA VAL A 204 -13.21 -26.68 8.04
C VAL A 204 -13.25 -27.97 7.23
N VAL A 205 -12.17 -28.73 7.26
CA VAL A 205 -12.11 -29.98 6.52
C VAL A 205 -13.22 -30.96 6.90
N GLN A 206 -13.46 -31.13 8.20
CA GLN A 206 -14.49 -32.04 8.71
C GLN A 206 -15.89 -31.64 8.29
N ARG A 207 -16.21 -30.36 8.46
CA ARG A 207 -17.53 -29.85 8.10
C ARG A 207 -17.84 -30.12 6.62
N ILE A 208 -16.86 -29.89 5.76
CA ILE A 208 -17.04 -30.11 4.32
C ILE A 208 -17.06 -31.61 4.05
N ALA A 209 -16.08 -32.31 4.61
CA ALA A 209 -15.98 -33.75 4.44
C ALA A 209 -17.29 -34.47 4.77
N GLN A 210 -18.00 -33.97 5.78
CA GLN A 210 -19.26 -34.57 6.22
C GLN A 210 -20.49 -34.09 5.45
N SER A 211 -20.32 -33.14 4.55
CA SER A 211 -21.47 -32.62 3.79
C SER A 211 -21.92 -33.54 2.66
N PHE A 212 -21.36 -34.75 2.61
CA PHE A 212 -21.75 -35.70 1.59
C PHE A 212 -21.65 -37.15 2.10
N PRO A 213 -22.25 -38.12 1.39
CA PRO A 213 -22.23 -39.53 1.79
C PRO A 213 -20.85 -40.18 2.01
N GLN A 214 -20.63 -40.63 3.24
CA GLN A 214 -19.36 -41.26 3.61
C GLN A 214 -18.89 -42.33 2.63
N ASN A 215 -19.81 -43.17 2.17
CA ASN A 215 -19.46 -44.25 1.25
C ASN A 215 -18.89 -43.76 -0.08
N TRP A 216 -18.86 -42.45 -0.27
CA TRP A 216 -18.31 -41.85 -1.48
C TRP A 216 -16.77 -41.86 -1.43
N LEU A 217 -16.24 -41.76 -0.22
CA LEU A 217 -14.79 -41.70 0.01
C LEU A 217 -14.04 -43.03 -0.06
N LYS A 218 -12.93 -43.04 -0.77
CA LYS A 218 -12.10 -44.24 -0.90
C LYS A 218 -10.61 -43.94 -0.63
N LEU A 219 -10.24 -43.94 0.64
CA LEU A 219 -8.87 -43.67 1.07
C LEU A 219 -7.90 -44.76 0.62
N SER A 220 -6.62 -44.41 0.52
CA SER A 220 -5.60 -45.35 0.08
C SER A 220 -5.88 -45.89 -1.32
N CYS A 221 -6.23 -44.99 -2.24
CA CYS A 221 -6.51 -45.34 -3.62
C CYS A 221 -5.58 -44.47 -4.44
N GLU A 222 -4.39 -44.98 -4.74
CA GLU A 222 -3.45 -44.19 -5.53
C GLU A 222 -3.77 -44.37 -7.00
N VAL A 223 -4.48 -43.41 -7.58
CA VAL A 223 -4.81 -43.46 -9.01
C VAL A 223 -3.51 -43.53 -9.79
N LYS A 224 -3.40 -44.51 -10.68
CA LYS A 224 -2.18 -44.68 -11.47
C LYS A 224 -2.38 -44.34 -12.93
N SER A 225 -3.63 -44.30 -13.38
CA SER A 225 -3.90 -43.99 -14.79
C SER A 225 -5.33 -43.58 -15.06
N ILE A 226 -5.49 -42.58 -15.94
CA ILE A 226 -6.80 -42.09 -16.33
C ILE A 226 -6.91 -42.17 -17.85
N THR A 227 -8.03 -42.70 -18.32
CA THR A 227 -8.28 -42.86 -19.74
C THR A 227 -9.76 -42.75 -20.03
N ARG A 228 -10.10 -42.25 -21.22
CA ARG A 228 -11.50 -42.11 -21.57
C ARG A 228 -11.72 -42.52 -23.01
N GLU A 229 -11.90 -43.82 -23.23
CA GLU A 229 -12.13 -44.30 -24.58
C GLU A 229 -13.34 -43.60 -25.16
N PRO A 230 -13.23 -43.01 -26.36
CA PRO A 230 -14.38 -42.32 -26.96
C PRO A 230 -15.64 -43.19 -26.96
N SER A 231 -16.46 -43.00 -25.93
CA SER A 231 -17.70 -43.75 -25.77
C SER A 231 -18.55 -43.09 -24.68
N LYS A 232 -18.14 -41.88 -24.28
CA LYS A 232 -18.87 -41.15 -23.25
C LYS A 232 -18.55 -41.66 -21.85
N ASN A 233 -17.35 -42.22 -21.68
CA ASN A 233 -16.95 -42.76 -20.39
C ASN A 233 -15.47 -42.59 -20.08
N VAL A 234 -15.17 -42.29 -18.83
CA VAL A 234 -13.79 -42.13 -18.36
C VAL A 234 -13.51 -43.29 -17.41
N THR A 235 -12.33 -43.91 -17.56
CA THR A 235 -11.95 -45.04 -16.71
C THR A 235 -10.72 -44.72 -15.85
N VAL A 236 -10.88 -44.86 -14.54
CA VAL A 236 -9.81 -44.59 -13.60
C VAL A 236 -9.36 -45.88 -12.89
N ASN A 237 -8.06 -46.02 -12.65
CA ASN A 237 -7.50 -47.21 -11.99
C ASN A 237 -6.55 -46.82 -10.84
N CYS A 238 -6.74 -47.41 -9.66
CA CYS A 238 -5.86 -47.12 -8.54
C CYS A 238 -4.75 -48.17 -8.50
N GLU A 239 -3.61 -47.78 -7.94
CA GLU A 239 -2.44 -48.64 -7.86
C GLU A 239 -2.70 -50.12 -7.55
N ASP A 240 -3.43 -50.39 -6.48
CA ASP A 240 -3.73 -51.77 -6.10
C ASP A 240 -4.25 -52.61 -7.28
N GLY A 241 -5.43 -52.28 -7.77
CA GLY A 241 -5.98 -53.03 -8.89
C GLY A 241 -7.42 -52.68 -9.20
N THR A 242 -8.12 -52.09 -8.24
CA THR A 242 -9.52 -51.72 -8.42
C THR A 242 -9.67 -50.72 -9.58
N VAL A 243 -10.71 -50.92 -10.38
CA VAL A 243 -10.98 -50.06 -11.54
C VAL A 243 -12.36 -49.42 -11.43
N TYR A 244 -12.52 -48.26 -12.07
CA TYR A 244 -13.81 -47.56 -12.07
C TYR A 244 -14.07 -46.88 -13.42
N ASN A 245 -15.27 -46.31 -13.55
CA ASN A 245 -15.68 -45.61 -14.77
C ASN A 245 -16.78 -44.61 -14.43
N ALA A 246 -16.68 -43.42 -15.00
CA ALA A 246 -17.67 -42.38 -14.74
C ALA A 246 -17.91 -41.48 -15.94
N ASP A 247 -18.94 -40.65 -15.84
CA ASP A 247 -19.30 -39.71 -16.90
C ASP A 247 -18.37 -38.52 -16.93
N TYR A 248 -17.94 -38.08 -15.74
CA TYR A 248 -17.03 -36.94 -15.60
C TYR A 248 -16.01 -37.30 -14.51
N VAL A 249 -14.86 -36.65 -14.57
CA VAL A 249 -13.82 -36.87 -13.57
C VAL A 249 -13.11 -35.54 -13.31
N ILE A 250 -12.93 -35.22 -12.04
CA ILE A 250 -12.28 -33.97 -11.63
C ILE A 250 -10.97 -34.27 -10.92
N ILE A 251 -9.85 -34.06 -11.60
CA ILE A 251 -8.51 -34.29 -11.07
C ILE A 251 -8.05 -33.10 -10.20
N THR A 252 -7.79 -33.35 -8.92
CA THR A 252 -7.36 -32.26 -8.06
C THR A 252 -5.98 -32.45 -7.44
N VAL A 253 -5.19 -33.38 -7.98
CA VAL A 253 -3.86 -33.59 -7.44
C VAL A 253 -3.05 -32.31 -7.58
N PRO A 254 -2.02 -32.14 -6.75
CA PRO A 254 -1.22 -30.92 -6.86
C PRO A 254 -0.45 -30.84 -8.16
N GLN A 255 -0.14 -29.61 -8.55
CA GLN A 255 0.58 -29.33 -9.78
C GLN A 255 1.84 -30.16 -9.94
N SER A 256 2.71 -30.13 -8.93
CA SER A 256 3.98 -30.86 -8.98
C SER A 256 3.82 -32.37 -9.19
N VAL A 257 2.71 -32.92 -8.74
CA VAL A 257 2.47 -34.35 -8.91
C VAL A 257 1.99 -34.60 -10.33
N LEU A 258 1.07 -33.74 -10.76
CA LEU A 258 0.51 -33.82 -12.10
C LEU A 258 1.58 -33.50 -13.12
N ASN A 259 2.68 -32.92 -12.67
CA ASN A 259 3.76 -32.57 -13.57
C ASN A 259 4.58 -33.83 -13.88
N LEU A 260 4.39 -34.87 -13.07
CA LEU A 260 5.11 -36.11 -13.27
C LEU A 260 4.58 -36.80 -14.53
N SER A 261 3.31 -36.55 -14.83
CA SER A 261 2.68 -37.14 -16.00
C SER A 261 3.41 -36.90 -17.31
N VAL A 262 4.32 -35.93 -17.35
CA VAL A 262 5.04 -35.63 -18.58
C VAL A 262 6.32 -36.45 -18.74
N GLN A 263 6.93 -36.83 -17.61
CA GLN A 263 8.15 -37.60 -17.66
C GLN A 263 7.93 -39.08 -17.90
N PRO A 264 9.03 -39.80 -18.15
CA PRO A 264 8.95 -41.23 -18.38
C PRO A 264 9.18 -42.04 -17.12
N GLU A 265 8.53 -43.20 -17.04
CA GLU A 265 8.67 -44.06 -15.88
C GLU A 265 7.51 -43.92 -14.93
N LYS A 266 6.42 -44.64 -15.24
CA LYS A 266 5.24 -44.58 -14.39
C LYS A 266 5.52 -45.08 -12.98
N ASN A 267 6.81 -45.27 -12.69
CA ASN A 267 7.26 -45.76 -11.40
C ASN A 267 7.08 -44.74 -10.28
N LEU A 268 7.21 -43.45 -10.61
CA LEU A 268 7.07 -42.39 -9.63
C LEU A 268 5.76 -42.43 -8.85
N ARG A 269 5.87 -42.36 -7.54
CA ARG A 269 4.72 -42.38 -6.66
C ARG A 269 3.85 -41.14 -6.93
N GLY A 270 2.56 -41.37 -7.16
CA GLY A 270 1.66 -40.26 -7.42
C GLY A 270 1.35 -40.05 -8.89
N ARG A 271 2.35 -40.16 -9.74
CA ARG A 271 2.20 -39.97 -11.18
C ARG A 271 1.03 -40.71 -11.81
N ILE A 272 0.24 -39.99 -12.61
CA ILE A 272 -0.92 -40.57 -13.30
C ILE A 272 -0.64 -40.70 -14.80
N GLU A 273 -1.11 -41.80 -15.39
CA GLU A 273 -0.93 -42.05 -16.82
C GLU A 273 -2.18 -41.68 -17.59
N PHE A 274 -2.09 -40.61 -18.36
CA PHE A 274 -3.23 -40.13 -19.15
C PHE A 274 -3.27 -40.72 -20.57
N GLN A 275 -4.45 -41.13 -20.99
CA GLN A 275 -4.63 -41.71 -22.31
C GLN A 275 -5.91 -41.19 -22.97
N PRO A 276 -5.77 -40.37 -24.02
CA PRO A 276 -4.50 -39.92 -24.59
C PRO A 276 -3.77 -38.95 -23.66
N PRO A 277 -2.52 -38.59 -24.00
CA PRO A 277 -1.75 -37.67 -23.18
C PRO A 277 -2.35 -36.27 -23.10
N LEU A 278 -2.13 -35.60 -21.97
CA LEU A 278 -2.64 -34.25 -21.76
C LEU A 278 -2.17 -33.39 -22.94
N LYS A 279 -3.11 -32.71 -23.60
CA LYS A 279 -2.77 -31.87 -24.74
C LYS A 279 -1.63 -30.89 -24.46
N PRO A 280 -0.80 -30.61 -25.47
CA PRO A 280 0.36 -29.71 -25.40
C PRO A 280 0.18 -28.37 -24.68
N VAL A 281 -1.00 -27.77 -24.79
CA VAL A 281 -1.22 -26.49 -24.12
C VAL A 281 -1.05 -26.68 -22.60
N ILE A 282 -1.33 -27.89 -22.12
CA ILE A 282 -1.19 -28.21 -20.70
C ILE A 282 0.26 -28.47 -20.32
N GLN A 283 0.96 -29.29 -21.11
CA GLN A 283 2.35 -29.60 -20.82
C GLN A 283 3.22 -28.35 -20.85
N ASP A 284 2.94 -27.46 -21.82
CA ASP A 284 3.71 -26.22 -21.95
C ASP A 284 3.62 -25.39 -20.68
N ALA A 285 2.44 -25.37 -20.06
CA ALA A 285 2.24 -24.60 -18.85
C ALA A 285 3.27 -24.88 -17.77
N PHE A 286 3.68 -26.15 -17.64
CA PHE A 286 4.66 -26.53 -16.62
C PHE A 286 6.03 -25.91 -16.82
N ASP A 287 6.33 -25.47 -18.04
CA ASP A 287 7.62 -24.84 -18.33
C ASP A 287 7.66 -23.44 -17.71
N LYS A 288 6.49 -22.96 -17.30
CA LYS A 288 6.40 -21.65 -16.67
C LYS A 288 6.59 -21.81 -15.17
N ILE A 289 7.64 -22.52 -14.79
CA ILE A 289 7.98 -22.76 -13.39
C ILE A 289 6.84 -23.11 -12.44
N HIS A 290 7.15 -23.07 -11.15
CA HIS A 290 6.15 -23.38 -10.14
C HIS A 290 6.73 -24.13 -8.96
N PHE A 291 5.88 -24.39 -7.97
CA PHE A 291 6.23 -25.12 -6.76
C PHE A 291 7.25 -24.45 -5.85
N GLY A 292 6.78 -23.99 -4.68
CA GLY A 292 7.64 -23.36 -3.71
C GLY A 292 7.81 -24.31 -2.55
N ALA A 293 8.64 -23.98 -1.57
CA ALA A 293 8.83 -24.89 -0.44
C ALA A 293 8.65 -24.31 0.96
N LEU A 294 7.49 -23.73 1.23
CA LEU A 294 7.24 -23.19 2.56
C LEU A 294 7.22 -24.34 3.57
N GLY A 295 8.00 -24.20 4.64
CA GLY A 295 8.05 -25.23 5.65
C GLY A 295 7.68 -24.69 7.02
N LYS A 296 7.53 -25.58 7.99
CA LYS A 296 7.16 -25.18 9.34
C LYS A 296 7.83 -25.95 10.45
N VAL A 297 8.19 -25.22 11.51
CA VAL A 297 8.81 -25.81 12.70
C VAL A 297 8.09 -25.21 13.91
N ILE A 298 7.46 -26.08 14.71
CA ILE A 298 6.74 -25.67 15.91
C ILE A 298 7.61 -25.82 17.16
N PHE A 299 7.73 -24.77 17.97
CA PHE A 299 8.50 -24.84 19.22
C PHE A 299 7.51 -24.76 20.38
N GLU A 300 7.38 -25.85 21.14
CA GLU A 300 6.46 -25.91 22.26
C GLU A 300 7.17 -25.77 23.60
N PHE A 301 6.79 -24.76 24.38
CA PHE A 301 7.40 -24.52 25.69
C PHE A 301 6.42 -24.90 26.78
N GLU A 302 6.92 -25.10 28.00
CA GLU A 302 6.08 -25.47 29.12
C GLU A 302 5.04 -24.40 29.41
N GLU A 303 5.47 -23.14 29.39
CA GLU A 303 4.56 -22.02 29.60
C GLU A 303 5.24 -20.73 29.17
N CYS A 304 4.44 -19.68 28.98
CA CYS A 304 4.95 -18.39 28.55
C CYS A 304 5.58 -17.60 29.69
N CYS A 305 6.79 -17.11 29.46
CA CYS A 305 7.48 -16.29 30.45
C CYS A 305 8.18 -15.17 29.69
N TRP A 306 7.58 -14.76 28.58
CA TRP A 306 8.13 -13.71 27.73
C TRP A 306 7.04 -12.72 27.36
N SER A 307 7.45 -11.55 26.89
CA SER A 307 6.53 -10.48 26.51
C SER A 307 5.63 -10.81 25.32
N ASN A 308 4.35 -10.45 25.41
CA ASN A 308 3.41 -10.70 24.33
C ASN A 308 3.04 -9.41 23.57
N GLU A 309 4.01 -8.52 23.44
CA GLU A 309 3.80 -7.28 22.73
C GLU A 309 3.26 -7.52 21.32
N SER A 310 3.70 -8.61 20.69
CA SER A 310 3.25 -8.93 19.33
C SER A 310 3.29 -10.42 18.97
N SER A 311 2.41 -10.80 18.05
CA SER A 311 2.32 -12.18 17.59
C SER A 311 3.19 -12.42 16.35
N LYS A 312 3.70 -11.35 15.75
CA LYS A 312 4.53 -11.45 14.55
C LYS A 312 5.97 -11.06 14.85
N ILE A 313 6.88 -12.03 14.71
CA ILE A 313 8.30 -11.79 14.95
C ILE A 313 9.11 -12.36 13.79
N VAL A 314 10.10 -11.59 13.35
CA VAL A 314 10.97 -12.02 12.25
C VAL A 314 12.43 -11.75 12.55
N THR A 315 13.26 -12.78 12.47
CA THR A 315 14.69 -12.58 12.69
C THR A 315 15.31 -12.35 11.30
N LEU A 316 16.20 -11.35 11.23
CA LEU A 316 16.87 -10.99 9.98
C LEU A 316 18.22 -11.70 9.87
N ALA A 317 18.54 -12.17 8.66
CA ALA A 317 19.82 -12.82 8.43
C ALA A 317 20.94 -11.79 8.72
N ASN A 318 22.13 -12.25 9.12
CA ASN A 318 23.22 -11.32 9.40
C ASN A 318 23.47 -10.41 8.20
N SER A 319 24.05 -9.24 8.46
CA SER A 319 24.39 -8.28 7.41
C SER A 319 25.72 -7.61 7.79
N THR A 320 26.38 -6.97 6.83
CA THR A 320 27.68 -6.36 7.12
C THR A 320 27.82 -4.92 6.67
N ASN A 321 28.74 -4.21 7.31
CA ASN A 321 28.99 -2.82 6.94
C ASN A 321 29.80 -2.74 5.65
N GLU A 322 30.45 -3.84 5.28
CA GLU A 322 31.23 -3.84 4.05
C GLU A 322 30.25 -3.78 2.89
N PHE A 323 29.08 -4.38 3.09
CA PHE A 323 28.03 -4.39 2.08
C PHE A 323 27.66 -2.95 1.73
N VAL A 324 27.56 -2.11 2.76
CA VAL A 324 27.23 -0.71 2.60
C VAL A 324 28.31 -0.02 1.80
N GLU A 325 29.56 -0.22 2.21
CA GLU A 325 30.70 0.38 1.54
C GLU A 325 30.66 0.01 0.07
N ILE A 326 30.34 -1.24 -0.22
CA ILE A 326 30.28 -1.68 -1.61
C ILE A 326 29.19 -0.95 -2.39
N VAL A 327 28.04 -0.77 -1.76
CA VAL A 327 26.92 -0.08 -2.40
C VAL A 327 27.29 1.39 -2.68
N ARG A 328 27.91 2.04 -1.70
CA ARG A 328 28.31 3.44 -1.84
C ARG A 328 29.35 3.63 -2.92
N ASN A 329 30.12 2.58 -3.21
CA ASN A 329 31.18 2.67 -4.20
C ASN A 329 30.89 2.13 -5.59
N ALA A 330 29.88 1.30 -5.73
CA ALA A 330 29.57 0.74 -7.04
C ALA A 330 29.24 1.84 -8.05
N GLU A 331 29.89 1.78 -9.20
CA GLU A 331 29.66 2.77 -10.23
C GLU A 331 28.38 2.44 -11.00
N ASN A 332 28.07 1.15 -11.10
CA ASN A 332 26.87 0.72 -11.80
C ASN A 332 26.46 -0.68 -11.41
N LEU A 333 25.38 -1.15 -12.03
CA LEU A 333 24.82 -2.47 -11.76
C LEU A 333 25.82 -3.60 -11.91
N ASP A 334 26.63 -3.59 -12.98
CA ASP A 334 27.61 -4.64 -13.19
C ASP A 334 28.70 -4.57 -12.13
N GLU A 335 29.26 -3.39 -11.94
CA GLU A 335 30.31 -3.22 -10.95
C GLU A 335 29.82 -3.67 -9.57
N LEU A 336 28.54 -3.47 -9.29
CA LEU A 336 27.96 -3.87 -8.00
C LEU A 336 27.80 -5.38 -7.97
N ASP A 337 27.41 -5.96 -9.11
CA ASP A 337 27.23 -7.40 -9.18
C ASP A 337 28.49 -8.17 -8.86
N SER A 338 29.57 -7.87 -9.59
CA SER A 338 30.84 -8.56 -9.39
C SER A 338 31.49 -8.15 -8.08
N MET A 339 31.50 -6.85 -7.82
CA MET A 339 32.10 -6.33 -6.58
C MET A 339 31.55 -7.12 -5.40
N LEU A 340 30.35 -7.67 -5.56
CA LEU A 340 29.71 -8.48 -4.54
C LEU A 340 30.17 -9.93 -4.69
N GLU A 341 31.46 -10.17 -4.51
CA GLU A 341 32.01 -11.50 -4.63
C GLU A 341 32.59 -11.96 -3.29
N ARG A 342 31.76 -12.63 -2.50
CA ARG A 342 32.19 -13.12 -1.19
C ARG A 342 32.44 -14.63 -1.23
N GLU A 343 33.43 -15.04 -2.01
CA GLU A 343 33.77 -16.44 -2.12
C GLU A 343 34.59 -16.86 -0.92
N THR A 349 31.02 -20.39 4.46
CA THR A 349 30.15 -21.51 4.11
C THR A 349 29.48 -22.06 5.37
N SER A 350 28.52 -22.97 5.16
CA SER A 350 27.79 -23.60 6.25
C SER A 350 26.60 -22.74 6.69
N VAL A 351 25.41 -23.24 6.41
CA VAL A 351 24.19 -22.54 6.76
C VAL A 351 23.90 -22.62 8.25
N THR A 352 23.43 -21.50 8.82
CA THR A 352 23.09 -21.45 10.24
C THR A 352 21.75 -20.73 10.35
N CYS A 353 21.14 -20.77 11.53
CA CYS A 353 19.84 -20.10 11.73
C CYS A 353 19.90 -18.62 11.35
N TRP A 354 21.10 -18.07 11.16
CA TRP A 354 21.24 -16.66 10.79
C TRP A 354 21.58 -16.46 9.30
N SER A 355 21.45 -17.50 8.50
CA SER A 355 21.77 -17.40 7.07
C SER A 355 20.56 -16.97 6.23
N GLN A 356 19.40 -16.90 6.86
CA GLN A 356 18.18 -16.51 6.16
C GLN A 356 17.15 -15.95 7.14
N PRO A 357 16.18 -15.19 6.64
CA PRO A 357 15.16 -14.63 7.52
C PRO A 357 14.24 -15.77 7.98
N LEU A 358 13.66 -15.62 9.17
CA LEU A 358 12.76 -16.63 9.71
C LEU A 358 11.54 -15.94 10.31
N PHE A 359 10.37 -16.50 10.04
CA PHE A 359 9.13 -15.93 10.55
C PHE A 359 8.54 -16.75 11.69
N PHE A 360 8.47 -16.13 12.87
CA PHE A 360 7.91 -16.79 14.06
C PHE A 360 6.56 -16.19 14.45
N VAL A 361 5.56 -17.05 14.66
CA VAL A 361 4.27 -16.59 15.15
C VAL A 361 4.23 -16.89 16.66
N ASN A 362 4.14 -15.85 17.49
CA ASN A 362 4.07 -16.08 18.93
C ASN A 362 2.61 -16.36 19.27
N LEU A 363 2.24 -17.64 19.33
CA LEU A 363 0.85 -18.05 19.59
C LEU A 363 0.32 -17.72 20.98
N SER A 364 1.18 -17.22 21.85
CA SER A 364 0.76 -16.90 23.20
C SER A 364 -0.18 -15.69 23.21
N LYS A 365 0.15 -14.68 22.41
CA LYS A 365 -0.68 -13.48 22.34
C LYS A 365 -2.00 -13.74 21.63
N SER A 366 -1.92 -14.38 20.46
CA SER A 366 -3.11 -14.63 19.67
C SER A 366 -4.00 -15.81 20.09
N THR A 367 -3.41 -16.84 20.68
CA THR A 367 -4.19 -18.02 21.06
C THR A 367 -3.99 -18.57 22.47
N GLY A 368 -3.11 -17.95 23.25
CA GLY A 368 -2.86 -18.39 24.61
C GLY A 368 -1.78 -19.46 24.74
N VAL A 369 -1.73 -20.38 23.78
CA VAL A 369 -0.74 -21.45 23.80
C VAL A 369 0.71 -20.95 23.79
N ALA A 370 1.54 -21.56 24.62
CA ALA A 370 2.94 -21.19 24.75
C ALA A 370 3.84 -21.88 23.73
N SER A 371 3.64 -21.58 22.46
CA SER A 371 4.44 -22.19 21.42
C SER A 371 4.74 -21.16 20.32
N PHE A 372 5.72 -21.46 19.48
CA PHE A 372 6.06 -20.58 18.36
C PHE A 372 5.84 -21.36 17.07
N MET A 373 5.13 -20.78 16.13
CA MET A 373 4.98 -21.45 14.85
C MET A 373 5.95 -20.71 13.94
N MET A 374 6.98 -21.40 13.45
CA MET A 374 7.99 -20.76 12.60
C MET A 374 7.88 -21.18 11.14
N LEU A 375 8.07 -20.22 10.24
CA LEU A 375 7.99 -20.49 8.80
C LEU A 375 9.39 -20.41 8.19
N MET A 376 9.70 -21.32 7.26
CA MET A 376 11.02 -21.33 6.63
C MET A 376 10.85 -21.47 5.12
N GLN A 377 11.93 -21.24 4.38
CA GLN A 377 11.88 -21.29 2.92
C GLN A 377 12.95 -22.15 2.27
N ALA A 378 12.75 -22.43 0.99
CA ALA A 378 13.70 -23.19 0.19
C ALA A 378 14.89 -22.27 0.06
N PRO A 379 16.12 -22.79 0.14
CA PRO A 379 16.51 -24.20 0.34
C PRO A 379 16.55 -24.74 1.77
N LEU A 380 16.40 -23.88 2.78
CA LEU A 380 16.44 -24.35 4.18
C LEU A 380 15.41 -25.43 4.48
N THR A 381 14.18 -25.22 4.02
CA THR A 381 13.07 -26.14 4.26
C THR A 381 13.42 -27.60 4.03
N ASN A 382 13.92 -27.90 2.84
CA ASN A 382 14.29 -29.26 2.45
C ASN A 382 15.31 -29.82 3.43
N HIS A 383 16.28 -29.00 3.82
CA HIS A 383 17.31 -29.43 4.76
C HIS A 383 16.79 -29.71 6.16
N ILE A 384 16.07 -28.76 6.73
CA ILE A 384 15.51 -28.95 8.06
C ILE A 384 14.55 -30.16 8.09
N GLU A 385 13.74 -30.31 7.04
CA GLU A 385 12.82 -31.46 7.01
C GLU A 385 13.56 -32.79 6.85
N SER A 386 14.77 -32.74 6.30
CA SER A 386 15.58 -33.97 6.11
C SER A 386 16.09 -34.50 7.44
N ILE A 387 16.21 -33.61 8.42
CA ILE A 387 16.69 -34.01 9.74
C ILE A 387 15.59 -33.79 10.78
N ARG A 388 14.34 -33.95 10.37
CA ARG A 388 13.21 -33.75 11.27
C ARG A 388 13.15 -34.71 12.45
N GLU A 389 13.82 -35.85 12.32
CA GLU A 389 13.84 -36.86 13.37
C GLU A 389 14.90 -36.59 14.43
N ASP A 390 15.95 -35.87 14.05
CA ASP A 390 17.04 -35.53 14.97
C ASP A 390 16.73 -34.27 15.78
N LYS A 391 15.95 -34.41 16.84
CA LYS A 391 15.56 -33.28 17.68
C LYS A 391 16.72 -32.53 18.30
N GLU A 392 17.76 -33.27 18.68
CA GLU A 392 18.95 -32.66 19.27
C GLU A 392 19.56 -31.65 18.32
N ARG A 393 19.90 -32.11 17.12
CA ARG A 393 20.49 -31.25 16.11
C ARG A 393 19.56 -30.05 15.82
N LEU A 394 18.26 -30.33 15.73
CA LEU A 394 17.28 -29.27 15.48
C LEU A 394 17.43 -28.18 16.54
N PHE A 395 17.44 -28.57 17.81
CA PHE A 395 17.58 -27.58 18.88
C PHE A 395 18.89 -26.80 18.76
N SER A 396 19.98 -27.48 18.46
CA SER A 396 21.25 -26.79 18.33
C SER A 396 21.20 -25.79 17.18
N PHE A 397 20.59 -26.19 16.07
CA PHE A 397 20.49 -25.29 14.92
C PHE A 397 19.74 -23.99 15.25
N PHE A 398 18.53 -24.12 15.79
CA PHE A 398 17.72 -22.94 16.10
C PHE A 398 17.96 -22.27 17.46
N GLN A 399 18.73 -22.90 18.33
CA GLN A 399 19.00 -22.34 19.66
C GLN A 399 19.46 -20.88 19.64
N PRO A 400 20.47 -20.53 18.81
CA PRO A 400 20.91 -19.14 18.80
C PRO A 400 19.83 -18.09 18.45
N VAL A 401 18.93 -18.39 17.50
CA VAL A 401 17.88 -17.45 17.17
C VAL A 401 16.76 -17.51 18.21
N LEU A 402 16.55 -18.67 18.80
CA LEU A 402 15.55 -18.82 19.84
C LEU A 402 15.98 -18.01 21.07
N ASN A 403 17.28 -17.90 21.30
CA ASN A 403 17.78 -17.16 22.47
C ASN A 403 17.73 -15.65 22.27
N LYS A 404 17.93 -15.18 21.04
CA LYS A 404 17.90 -13.75 20.79
C LYS A 404 16.48 -13.21 20.95
N ILE A 405 15.49 -14.01 20.56
CA ILE A 405 14.09 -13.62 20.68
C ILE A 405 13.72 -13.46 22.15
N MET A 406 14.09 -14.46 22.94
CA MET A 406 13.79 -14.42 24.37
C MET A 406 14.44 -13.22 25.02
N LYS A 407 15.65 -12.87 24.59
CA LYS A 407 16.32 -11.71 25.18
C LYS A 407 15.59 -10.44 24.79
N CYS A 408 15.20 -10.35 23.52
CA CYS A 408 14.47 -9.19 23.04
C CYS A 408 13.06 -9.12 23.58
N LEU A 409 12.61 -10.18 24.24
CA LEU A 409 11.26 -10.22 24.81
C LEU A 409 11.23 -10.29 26.35
N ASP A 410 12.25 -9.73 26.99
CA ASP A 410 12.35 -9.70 28.45
C ASP A 410 12.41 -11.04 29.12
N SER A 411 13.10 -11.98 28.52
CA SER A 411 13.22 -13.31 29.10
C SER A 411 14.69 -13.69 29.08
N GLU A 412 14.96 -14.99 29.12
CA GLU A 412 16.35 -15.43 29.10
C GLU A 412 16.52 -16.68 28.25
N ASP A 413 17.75 -17.18 28.17
CA ASP A 413 18.04 -18.35 27.36
C ASP A 413 17.12 -19.54 27.61
N VAL A 414 16.81 -20.24 26.52
CA VAL A 414 15.94 -21.41 26.54
C VAL A 414 16.62 -22.63 27.17
N ILE A 415 15.87 -23.41 27.93
CA ILE A 415 16.40 -24.62 28.54
C ILE A 415 15.85 -25.80 27.76
N ASP A 416 16.72 -26.76 27.44
CA ASP A 416 16.35 -27.96 26.68
C ASP A 416 15.72 -29.04 27.54
N GLY A 417 14.40 -29.16 27.47
CA GLY A 417 13.71 -30.17 28.25
C GLY A 417 12.94 -31.13 27.38
N MET A 418 13.48 -31.43 26.20
CA MET A 418 12.82 -32.38 25.31
C MET A 418 12.98 -33.78 25.89
N ARG A 419 13.93 -33.89 26.81
CA ARG A 419 14.19 -35.12 27.55
C ARG A 419 14.15 -34.53 28.97
N PRO A 420 12.94 -34.18 29.45
CA PRO A 420 12.65 -33.59 30.76
C PRO A 420 13.33 -34.12 32.02
N ILE A 421 13.68 -33.18 32.89
CA ILE A 421 14.34 -33.45 34.14
C ILE A 421 13.85 -32.42 35.16
N GLU A 422 12.59 -32.53 35.56
CA GLU A 422 11.96 -31.60 36.51
C GLU A 422 12.95 -30.98 37.49
N ASN A 423 13.10 -29.65 37.40
CA ASN A 423 14.01 -28.89 38.26
C ASN A 423 13.37 -27.57 38.65
N ILE A 424 13.37 -27.27 39.96
CA ILE A 424 12.78 -26.03 40.45
C ILE A 424 13.47 -24.79 39.90
N ALA A 425 14.72 -24.94 39.48
CA ALA A 425 15.51 -23.84 38.95
C ALA A 425 15.15 -23.52 37.50
N ASN A 426 13.86 -23.56 37.19
CA ASN A 426 13.39 -23.25 35.84
C ASN A 426 12.18 -22.34 35.92
N ALA A 427 11.80 -21.99 37.16
CA ALA A 427 10.67 -21.12 37.40
C ALA A 427 10.38 -20.07 36.34
N ASN A 428 11.30 -19.13 36.13
CA ASN A 428 11.10 -18.06 35.13
C ASN A 428 11.96 -18.21 33.88
N LYS A 429 12.31 -19.44 33.53
CA LYS A 429 13.12 -19.69 32.34
C LYS A 429 12.24 -20.42 31.32
N PRO A 430 12.36 -20.04 30.04
CA PRO A 430 11.55 -20.72 29.04
C PRO A 430 12.10 -22.13 28.85
N VAL A 431 11.22 -23.13 28.98
CA VAL A 431 11.62 -24.54 28.84
C VAL A 431 10.99 -25.21 27.61
N LEU A 432 11.83 -25.57 26.64
CA LEU A 432 11.37 -26.22 25.42
C LEU A 432 11.07 -27.67 25.77
N ARG A 433 9.91 -28.17 25.34
CA ARG A 433 9.52 -29.54 25.65
C ARG A 433 9.42 -30.42 24.40
N ASN A 434 9.12 -29.82 23.26
CA ASN A 434 8.96 -30.57 22.03
C ASN A 434 9.17 -29.70 20.78
N ILE A 435 9.60 -30.34 19.69
CA ILE A 435 9.79 -29.64 18.43
C ILE A 435 9.11 -30.46 17.34
N ILE A 436 8.26 -29.81 16.54
CA ILE A 436 7.54 -30.49 15.45
C ILE A 436 7.98 -29.90 14.11
N VAL A 437 8.09 -30.74 13.09
CA VAL A 437 8.51 -30.26 11.77
C VAL A 437 7.65 -30.76 10.64
N SER A 438 7.41 -29.90 9.65
CA SER A 438 6.62 -30.25 8.47
C SER A 438 7.41 -31.29 7.68
N ASN A 439 6.85 -31.76 6.56
CA ASN A 439 7.51 -32.77 5.72
C ASN A 439 6.99 -32.73 4.27
N TRP A 440 6.35 -31.64 3.91
CA TRP A 440 5.77 -31.46 2.58
C TRP A 440 6.70 -31.74 1.39
N THR A 441 7.96 -31.33 1.49
CA THR A 441 8.92 -31.54 0.43
C THR A 441 9.34 -33.00 0.25
N ARG A 442 9.15 -33.82 1.28
CA ARG A 442 9.55 -35.23 1.17
C ARG A 442 8.36 -36.18 0.95
N ASP A 443 7.15 -35.63 1.04
CA ASP A 443 5.89 -36.35 0.86
C ASP A 443 5.59 -36.45 -0.65
N PRO A 444 5.57 -37.69 -1.19
CA PRO A 444 5.31 -37.96 -2.61
C PRO A 444 3.99 -37.42 -3.17
N TYR A 445 3.01 -37.24 -2.29
CA TYR A 445 1.71 -36.74 -2.71
C TYR A 445 1.60 -35.22 -2.68
N SER A 446 2.67 -34.55 -2.26
CA SER A 446 2.67 -33.08 -2.24
C SER A 446 3.91 -32.51 -2.91
N ARG A 447 5.08 -33.06 -2.58
CA ARG A 447 6.34 -32.60 -3.17
C ARG A 447 6.53 -31.09 -3.13
N GLY A 448 6.28 -30.50 -1.96
CA GLY A 448 6.41 -29.06 -1.81
C GLY A 448 5.19 -28.41 -1.17
N ALA A 449 5.13 -27.08 -1.24
CA ALA A 449 4.02 -26.36 -0.66
C ALA A 449 2.89 -26.00 -1.60
N TYR A 450 3.13 -25.03 -2.46
CA TYR A 450 2.15 -24.55 -3.43
C TYR A 450 2.88 -23.82 -4.54
N SER A 451 2.20 -23.67 -5.68
CA SER A 451 2.76 -22.98 -6.84
C SER A 451 3.42 -21.65 -6.49
N ALA A 452 4.61 -21.44 -7.04
CA ALA A 452 5.38 -20.21 -6.84
C ALA A 452 6.11 -19.89 -8.14
N CYS A 453 6.58 -18.64 -8.27
CA CYS A 453 7.26 -18.20 -9.48
C CYS A 453 8.76 -18.00 -9.44
N PHE A 454 9.44 -18.55 -10.43
CA PHE A 454 10.88 -18.40 -10.59
C PHE A 454 10.96 -17.28 -11.62
N PRO A 455 12.10 -16.59 -11.70
CA PRO A 455 12.16 -15.51 -12.70
C PRO A 455 11.85 -16.03 -14.11
N GLY A 456 10.89 -15.41 -14.79
CA GLY A 456 10.53 -15.81 -16.12
C GLY A 456 9.26 -16.64 -16.23
N ASP A 457 8.59 -16.86 -15.10
CA ASP A 457 7.37 -17.66 -15.10
C ASP A 457 6.12 -16.81 -15.32
N ASP A 458 5.07 -17.45 -15.83
CA ASP A 458 3.80 -16.78 -16.06
C ASP A 458 2.69 -17.66 -15.51
N PRO A 459 2.24 -17.38 -14.27
CA PRO A 459 1.19 -18.15 -13.59
C PRO A 459 -0.13 -18.31 -14.34
N VAL A 460 -0.52 -17.29 -15.09
CA VAL A 460 -1.78 -17.31 -15.84
C VAL A 460 -1.91 -18.51 -16.79
N ASP A 461 -0.82 -18.86 -17.48
CA ASP A 461 -0.84 -19.98 -18.43
C ASP A 461 -1.56 -21.22 -17.91
N MET A 462 -1.10 -21.71 -16.76
CA MET A 462 -1.67 -22.89 -16.13
C MET A 462 -3.14 -22.71 -15.78
N VAL A 463 -3.49 -21.55 -15.23
CA VAL A 463 -4.88 -21.29 -14.85
C VAL A 463 -5.81 -21.53 -16.04
N VAL A 464 -5.45 -20.96 -17.18
CA VAL A 464 -6.22 -21.09 -18.41
C VAL A 464 -6.30 -22.54 -18.86
N ALA A 465 -5.15 -23.19 -19.00
CA ALA A 465 -5.09 -24.60 -19.41
C ALA A 465 -5.94 -25.48 -18.48
N MET A 466 -5.65 -25.43 -17.18
CA MET A 466 -6.37 -26.21 -16.20
C MET A 466 -7.88 -25.95 -16.27
N SER A 467 -8.26 -24.68 -16.26
CA SER A 467 -9.68 -24.31 -16.31
C SER A 467 -10.37 -24.77 -17.59
N ASN A 468 -9.63 -24.79 -18.69
CA ASN A 468 -10.21 -25.23 -19.95
C ASN A 468 -10.42 -26.74 -19.89
N GLY A 469 -9.55 -27.42 -19.15
CA GLY A 469 -9.64 -28.87 -19.01
C GLY A 469 -9.15 -29.66 -20.20
N GLN A 470 -8.75 -30.91 -19.95
CA GLN A 470 -8.26 -31.80 -21.00
C GLN A 470 -9.34 -31.93 -22.08
N ASP A 471 -10.58 -32.03 -21.64
CA ASP A 471 -11.74 -32.10 -22.53
C ASP A 471 -13.05 -31.99 -21.74
N SER A 472 -14.17 -32.22 -22.41
CA SER A 472 -15.46 -32.09 -21.76
C SER A 472 -15.70 -32.94 -20.53
N ARG A 473 -14.99 -34.05 -20.41
CA ARG A 473 -15.18 -34.96 -19.28
C ARG A 473 -14.03 -34.96 -18.27
N ILE A 474 -12.88 -34.43 -18.67
CA ILE A 474 -11.71 -34.40 -17.79
C ILE A 474 -11.41 -32.96 -17.32
N ARG A 475 -11.89 -32.64 -16.12
CA ARG A 475 -11.69 -31.31 -15.55
C ARG A 475 -10.61 -31.29 -14.47
N PHE A 476 -10.09 -30.09 -14.19
CA PHE A 476 -9.07 -29.94 -13.16
C PHE A 476 -9.52 -28.94 -12.11
N ALA A 477 -9.03 -29.13 -10.89
CA ALA A 477 -9.33 -28.26 -9.77
C ALA A 477 -8.10 -28.20 -8.88
N GLY A 478 -8.13 -27.35 -7.86
CA GLY A 478 -6.99 -27.21 -6.97
C GLY A 478 -6.49 -25.78 -6.94
N GLU A 479 -5.58 -25.47 -6.02
CA GLU A 479 -5.06 -24.11 -5.89
C GLU A 479 -4.28 -23.58 -7.10
N HIS A 480 -3.95 -24.46 -8.04
CA HIS A 480 -3.20 -24.07 -9.23
C HIS A 480 -4.09 -24.02 -10.48
N THR A 481 -5.40 -24.02 -10.27
CA THR A 481 -6.34 -24.00 -11.38
C THR A 481 -7.26 -22.78 -11.41
N ILE A 482 -6.96 -21.77 -10.60
CA ILE A 482 -7.80 -20.58 -10.53
C ILE A 482 -6.95 -19.32 -10.38
N MET A 483 -7.52 -18.17 -10.73
CA MET A 483 -6.79 -16.90 -10.67
C MET A 483 -6.94 -16.21 -9.32
N ASP A 484 -8.18 -16.10 -8.85
CA ASP A 484 -8.43 -15.47 -7.55
C ASP A 484 -8.16 -16.50 -6.46
N GLY A 485 -7.27 -16.19 -5.53
CA GLY A 485 -6.96 -17.12 -4.46
C GLY A 485 -5.93 -18.15 -4.91
N ALA A 486 -5.23 -17.87 -6.01
CA ALA A 486 -4.21 -18.76 -6.53
C ALA A 486 -3.27 -19.17 -5.41
N GLY A 487 -2.93 -20.45 -5.35
CA GLY A 487 -2.04 -20.94 -4.31
C GLY A 487 -2.63 -20.82 -2.91
N CYS A 488 -3.92 -20.53 -2.79
CA CYS A 488 -4.55 -20.39 -1.47
C CYS A 488 -5.67 -21.42 -1.21
N ALA A 489 -5.91 -21.69 0.07
CA ALA A 489 -6.94 -22.64 0.45
C ALA A 489 -8.29 -22.26 -0.17
N TYR A 490 -8.70 -21.00 -0.03
CA TYR A 490 -9.98 -20.58 -0.59
C TYR A 490 -9.97 -20.66 -2.10
N GLY A 491 -8.78 -20.55 -2.69
CA GLY A 491 -8.68 -20.66 -4.13
C GLY A 491 -9.05 -22.06 -4.54
N ALA A 492 -8.46 -23.06 -3.89
CA ALA A 492 -8.76 -24.46 -4.22
C ALA A 492 -10.23 -24.80 -3.93
N TRP A 493 -10.74 -24.30 -2.81
CA TRP A 493 -12.13 -24.53 -2.40
C TRP A 493 -13.09 -24.06 -3.48
N GLU A 494 -12.89 -22.83 -3.96
CA GLU A 494 -13.72 -22.26 -5.01
C GLU A 494 -13.55 -23.01 -6.34
N SER A 495 -12.33 -23.43 -6.65
CA SER A 495 -12.10 -24.16 -7.90
C SER A 495 -12.87 -25.48 -7.87
N GLY A 496 -12.99 -26.06 -6.68
CA GLY A 496 -13.72 -27.31 -6.54
C GLY A 496 -15.21 -27.08 -6.75
N ARG A 497 -15.71 -25.91 -6.33
CA ARG A 497 -17.13 -25.59 -6.51
C ARG A 497 -17.37 -25.31 -7.98
N ARG A 498 -16.38 -24.70 -8.63
CA ARG A 498 -16.45 -24.38 -10.04
C ARG A 498 -16.80 -25.59 -10.89
N GLU A 499 -15.95 -26.61 -10.82
CA GLU A 499 -16.16 -27.84 -11.61
C GLU A 499 -17.44 -28.60 -11.27
N ALA A 500 -17.76 -28.67 -9.97
CA ALA A 500 -18.95 -29.39 -9.54
C ALA A 500 -20.22 -28.76 -10.14
N THR A 501 -20.31 -27.44 -10.05
CA THR A 501 -21.45 -26.71 -10.57
C THR A 501 -21.57 -26.83 -12.08
N ARG A 502 -20.45 -26.76 -12.79
CA ARG A 502 -20.46 -26.89 -14.24
C ARG A 502 -21.03 -28.24 -14.65
N ILE A 503 -20.58 -29.30 -13.98
CA ILE A 503 -21.04 -30.65 -14.25
C ILE A 503 -22.47 -30.82 -13.73
N SER A 504 -22.77 -30.17 -12.62
CA SER A 504 -24.08 -30.24 -11.99
C SER A 504 -25.18 -29.65 -12.92
N ASP A 505 -24.87 -28.56 -13.61
CA ASP A 505 -25.85 -27.95 -14.53
C ASP A 505 -26.06 -28.86 -15.74
N LEU A 506 -24.97 -29.39 -16.28
CA LEU A 506 -25.03 -30.28 -17.44
C LEU A 506 -25.89 -31.52 -17.19
N LEU A 507 -25.76 -32.11 -16.01
CA LEU A 507 -26.53 -33.30 -15.67
C LEU A 507 -28.04 -32.99 -15.57
N LYS A 508 -28.38 -31.92 -14.86
CA LYS A 508 -29.79 -31.54 -14.71
C LYS A 508 -30.43 -31.26 -16.07
N LEU A 509 -29.68 -30.64 -16.97
CA LEU A 509 -30.20 -30.32 -18.28
C LEU A 509 -30.50 -31.54 -19.16
N GLU A 510 -29.78 -32.64 -18.92
CA GLU A 510 -29.98 -33.86 -19.70
C GLU A 510 -31.32 -34.53 -19.39
N HIS A 511 -31.57 -34.75 -18.10
CA HIS A 511 -32.80 -35.38 -17.68
C HIS A 511 -33.84 -34.40 -17.19
N SER B 5 1.75 50.99 -31.88
CA SER B 5 2.52 51.44 -30.68
C SER B 5 2.67 50.36 -29.59
N PRO B 6 1.63 49.54 -29.37
CA PRO B 6 1.72 48.47 -28.35
C PRO B 6 2.79 47.44 -28.66
N ALA B 7 3.75 47.30 -27.74
CA ALA B 7 4.88 46.38 -27.88
C ALA B 7 4.57 44.98 -28.38
N LYS B 8 5.42 44.51 -29.30
CA LYS B 8 5.31 43.18 -29.89
C LYS B 8 6.22 42.20 -29.15
N LYS B 9 5.68 41.04 -28.81
CA LYS B 9 6.43 40.02 -28.09
C LYS B 9 6.06 38.67 -28.66
N LYS B 10 6.98 37.72 -28.62
CA LYS B 10 6.69 36.41 -29.17
C LYS B 10 5.73 35.67 -28.25
N VAL B 11 6.05 35.65 -26.97
CA VAL B 11 5.22 34.96 -26.00
C VAL B 11 5.04 35.78 -24.73
N ILE B 12 3.80 35.82 -24.22
CA ILE B 12 3.48 36.51 -22.98
C ILE B 12 2.90 35.48 -22.03
N ILE B 13 3.54 35.35 -20.87
CA ILE B 13 3.13 34.40 -19.85
C ILE B 13 2.46 35.20 -18.73
N ILE B 14 1.20 34.87 -18.41
CA ILE B 14 0.51 35.60 -17.34
C ILE B 14 0.68 34.85 -16.02
N GLY B 15 1.36 35.47 -15.05
CA GLY B 15 1.56 34.84 -13.76
C GLY B 15 2.96 34.30 -13.58
N ALA B 16 3.58 34.62 -12.44
CA ALA B 16 4.94 34.14 -12.17
C ALA B 16 5.02 33.11 -11.06
N GLY B 17 4.06 32.19 -11.07
CA GLY B 17 4.10 31.10 -10.11
C GLY B 17 5.08 30.12 -10.77
N ILE B 18 5.20 28.91 -10.23
CA ILE B 18 6.16 27.98 -10.79
C ILE B 18 5.85 27.56 -12.24
N ALA B 19 4.57 27.48 -12.58
CA ALA B 19 4.17 27.11 -13.93
C ALA B 19 4.67 28.16 -14.94
N GLY B 20 4.37 29.43 -14.65
CA GLY B 20 4.78 30.51 -15.52
C GLY B 20 6.29 30.67 -15.62
N LEU B 21 6.97 30.49 -14.49
CA LEU B 21 8.42 30.62 -14.46
C LEU B 21 9.08 29.49 -15.27
N LYS B 22 8.57 28.27 -15.16
CA LYS B 22 9.15 27.16 -15.91
C LYS B 22 8.83 27.30 -17.40
N ALA B 23 7.75 27.99 -17.72
CA ALA B 23 7.38 28.21 -19.11
C ALA B 23 8.46 29.11 -19.71
N ALA B 24 8.74 30.22 -19.02
CA ALA B 24 9.76 31.19 -19.46
C ALA B 24 11.12 30.50 -19.54
N SER B 25 11.43 29.70 -18.53
CA SER B 25 12.68 28.98 -18.48
C SER B 25 12.87 28.08 -19.70
N THR B 26 11.79 27.40 -20.11
CA THR B 26 11.83 26.50 -21.25
C THR B 26 11.98 27.26 -22.58
N LEU B 27 11.20 28.32 -22.73
CA LEU B 27 11.26 29.15 -23.93
C LEU B 27 12.69 29.63 -24.17
N HIS B 28 13.29 30.23 -23.14
CA HIS B 28 14.67 30.71 -23.24
C HIS B 28 15.60 29.56 -23.59
N GLN B 29 15.39 28.42 -22.94
CA GLN B 29 16.19 27.24 -23.17
C GLN B 29 16.19 26.84 -24.65
N ASN B 30 15.03 26.99 -25.30
CA ASN B 30 14.90 26.64 -26.72
C ASN B 30 15.19 27.82 -27.69
N GLY B 31 15.88 28.84 -27.20
CA GLY B 31 16.23 29.96 -28.05
C GLY B 31 15.13 30.94 -28.46
N ILE B 32 14.03 30.97 -27.73
CA ILE B 32 12.95 31.89 -28.06
C ILE B 32 13.25 33.23 -27.37
N GLN B 33 13.15 34.31 -28.13
CA GLN B 33 13.44 35.63 -27.60
C GLN B 33 12.24 36.54 -27.53
N ASP B 34 12.45 37.70 -26.92
CA ASP B 34 11.41 38.71 -26.80
C ASP B 34 10.12 38.24 -26.18
N CYS B 35 10.23 37.59 -25.03
CA CYS B 35 9.05 37.10 -24.33
C CYS B 35 8.76 37.97 -23.12
N LEU B 36 7.70 37.66 -22.41
CA LEU B 36 7.34 38.47 -21.26
C LEU B 36 6.57 37.68 -20.21
N VAL B 37 6.87 37.96 -18.94
CA VAL B 37 6.19 37.32 -17.82
C VAL B 37 5.53 38.43 -17.00
N LEU B 38 4.21 38.48 -17.01
CA LEU B 38 3.48 39.52 -16.27
C LEU B 38 2.84 38.97 -14.99
N GLU B 39 3.20 39.54 -13.85
CA GLU B 39 2.70 39.08 -12.53
C GLU B 39 2.03 40.21 -11.72
N ALA B 40 0.82 39.96 -11.22
CA ALA B 40 0.08 40.96 -10.45
C ALA B 40 0.68 41.33 -9.09
N ARG B 41 1.18 40.34 -8.37
CA ARG B 41 1.81 40.57 -7.07
C ARG B 41 3.16 41.26 -7.25
N ASP B 42 3.80 41.64 -6.14
CA ASP B 42 5.11 42.28 -6.22
C ASP B 42 6.25 41.31 -5.93
N ARG B 43 5.99 40.02 -6.13
CA ARG B 43 6.97 38.94 -5.92
C ARG B 43 6.66 37.78 -6.86
N VAL B 44 7.63 36.89 -7.05
CA VAL B 44 7.43 35.72 -7.90
C VAL B 44 7.19 34.54 -6.97
N GLY B 45 6.69 33.44 -7.52
CA GLY B 45 6.48 32.27 -6.70
C GLY B 45 5.05 31.80 -6.51
N GLY B 46 4.12 32.73 -6.48
CA GLY B 46 2.73 32.37 -6.28
C GLY B 46 2.52 31.57 -5.01
N ARG B 47 1.93 30.39 -5.15
CA ARG B 47 1.66 29.54 -4.01
C ARG B 47 2.91 28.88 -3.44
N LEU B 48 4.06 29.42 -3.83
CA LEU B 48 5.34 28.99 -3.30
C LEU B 48 5.87 30.27 -2.67
N GLN B 49 5.73 30.37 -1.35
CA GLN B 49 6.19 31.54 -0.61
C GLN B 49 6.78 31.18 0.74
N THR B 50 8.02 31.62 0.95
CA THR B 50 8.73 31.37 2.19
C THR B 50 8.74 32.66 3.03
N VAL B 51 8.18 32.61 4.22
CA VAL B 51 8.15 33.80 5.07
C VAL B 51 9.16 33.74 6.21
N THR B 52 9.34 34.87 6.89
CA THR B 52 10.28 34.95 8.01
C THR B 52 9.50 35.19 9.31
N GLY B 53 9.94 34.53 10.37
CA GLY B 53 9.28 34.68 11.65
C GLY B 53 10.27 35.00 12.76
N TYR B 54 9.98 34.47 13.96
CA TYR B 54 10.80 34.67 15.15
C TYR B 54 12.30 34.42 14.98
N GLN B 55 13.11 35.44 15.27
CA GLN B 55 14.56 35.31 15.16
C GLN B 55 15.08 34.95 13.77
N GLY B 56 14.34 35.32 12.74
CA GLY B 56 14.77 35.02 11.38
C GLY B 56 14.47 33.62 10.89
N ARG B 57 13.72 32.83 11.65
CA ARG B 57 13.40 31.48 11.22
C ARG B 57 12.56 31.55 9.95
N LYS B 58 12.78 30.60 9.03
CA LYS B 58 12.04 30.60 7.77
C LYS B 58 11.06 29.43 7.66
N TYR B 59 9.96 29.64 6.95
CA TYR B 59 8.96 28.59 6.78
C TYR B 59 8.26 28.74 5.44
N ASP B 60 7.95 27.62 4.81
CA ASP B 60 7.21 27.68 3.54
C ASP B 60 5.74 27.73 3.99
N ILE B 61 5.06 28.82 3.65
CA ILE B 61 3.67 28.99 4.04
C ILE B 61 2.72 28.46 2.95
N GLY B 62 3.29 28.11 1.79
CA GLY B 62 2.53 27.54 0.71
C GLY B 62 3.05 26.12 0.66
N ALA B 63 3.46 25.65 -0.51
CA ALA B 63 4.02 24.30 -0.66
C ALA B 63 5.28 24.09 0.16
N SER B 64 5.48 22.89 0.71
CA SER B 64 6.70 22.64 1.47
C SER B 64 7.34 21.29 1.18
N TRP B 65 6.60 20.38 0.57
CA TRP B 65 7.14 19.06 0.25
C TRP B 65 7.26 18.75 -1.25
N HIS B 66 8.21 17.88 -1.57
CA HIS B 66 8.40 17.38 -2.92
C HIS B 66 7.69 16.05 -2.74
N HIS B 67 6.63 15.80 -3.51
CA HIS B 67 5.90 14.52 -3.42
C HIS B 67 6.35 13.57 -4.53
N ASP B 68 6.05 12.27 -4.35
CA ASP B 68 6.38 11.24 -5.32
C ASP B 68 7.83 11.34 -5.79
N THR B 69 8.77 11.30 -4.85
CA THR B 69 10.17 11.45 -5.20
C THR B 69 10.80 10.41 -6.12
N LEU B 70 10.10 9.30 -6.34
CA LEU B 70 10.59 8.27 -7.23
C LEU B 70 10.52 8.73 -8.69
N THR B 71 9.56 9.60 -8.99
CA THR B 71 9.36 10.07 -10.35
C THR B 71 9.23 11.59 -10.53
N ASN B 72 8.99 12.30 -9.44
CA ASN B 72 8.85 13.76 -9.46
C ASN B 72 10.03 14.38 -10.21
N PRO B 73 9.83 14.86 -11.45
CA PRO B 73 10.91 15.47 -12.26
C PRO B 73 11.60 16.70 -11.68
N LEU B 74 10.86 17.54 -10.97
CA LEU B 74 11.43 18.72 -10.35
C LEU B 74 12.32 18.27 -9.22
N PHE B 75 11.88 17.26 -8.49
CA PHE B 75 12.67 16.76 -7.38
C PHE B 75 14.00 16.17 -7.86
N LEU B 76 13.95 15.40 -8.94
CA LEU B 76 15.15 14.79 -9.49
C LEU B 76 16.17 15.85 -9.88
N GLU B 77 15.72 16.98 -10.43
CA GLU B 77 16.62 18.06 -10.81
C GLU B 77 17.37 18.61 -9.60
N GLU B 78 16.63 18.91 -8.53
CA GLU B 78 17.20 19.43 -7.30
C GLU B 78 18.20 18.44 -6.70
N ALA B 79 17.88 17.15 -6.80
CA ALA B 79 18.74 16.11 -6.25
C ALA B 79 20.08 16.01 -6.99
N GLN B 80 20.03 16.14 -8.32
CA GLN B 80 21.23 16.09 -9.14
C GLN B 80 22.12 17.26 -8.69
N LEU B 81 21.49 18.40 -8.43
CA LEU B 81 22.25 19.57 -7.98
C LEU B 81 22.97 19.28 -6.66
N SER B 82 22.24 18.79 -5.66
CA SER B 82 22.86 18.49 -4.36
C SER B 82 23.93 17.42 -4.49
N LEU B 83 23.72 16.48 -5.41
CA LEU B 83 24.68 15.42 -5.61
C LEU B 83 26.00 15.99 -6.12
N ASN B 84 25.94 17.14 -6.80
CA ASN B 84 27.13 17.75 -7.36
C ASN B 84 27.83 18.80 -6.51
N ASP B 85 27.10 19.51 -5.67
CA ASP B 85 27.72 20.54 -4.85
C ASP B 85 27.68 20.25 -3.36
N GLY B 86 26.94 19.24 -2.96
CA GLY B 86 26.86 18.88 -1.57
C GLY B 86 26.08 19.84 -0.69
N ARG B 87 25.28 20.71 -1.28
CA ARG B 87 24.49 21.62 -0.47
C ARG B 87 23.16 20.95 -0.10
N THR B 88 22.67 21.22 1.11
CA THR B 88 21.42 20.65 1.61
C THR B 88 20.23 21.41 1.04
N ARG B 89 19.45 20.77 0.16
CA ARG B 89 18.28 21.43 -0.43
C ARG B 89 16.95 20.88 0.06
N PHE B 90 16.97 19.69 0.67
CA PHE B 90 15.76 19.04 1.15
C PHE B 90 16.10 17.96 2.17
N VAL B 91 15.08 17.47 2.87
CA VAL B 91 15.29 16.44 3.88
C VAL B 91 14.11 15.51 3.89
N PHE B 92 14.38 14.21 3.77
CA PHE B 92 13.32 13.23 3.80
C PHE B 92 12.83 13.17 5.26
N ASP B 93 11.63 13.68 5.50
CA ASP B 93 11.12 13.73 6.86
C ASP B 93 9.92 12.83 7.14
N ASP B 94 9.73 11.79 6.33
CA ASP B 94 8.64 10.88 6.60
C ASP B 94 8.99 10.23 7.96
N ASP B 95 7.98 9.89 8.75
CA ASP B 95 8.22 9.32 10.06
C ASP B 95 7.03 8.47 10.45
N ASN B 96 7.10 7.87 11.63
CA ASN B 96 5.99 7.10 12.16
C ASN B 96 5.09 8.13 12.81
N PHE B 97 3.81 8.10 12.48
CA PHE B 97 2.84 9.07 13.02
C PHE B 97 2.46 8.81 14.47
N ILE B 98 2.40 9.88 15.24
CA ILE B 98 1.99 9.81 16.62
C ILE B 98 0.56 10.30 16.61
N TYR B 99 -0.38 9.45 17.02
CA TYR B 99 -1.79 9.83 17.04
C TYR B 99 -2.25 10.12 18.48
N ILE B 100 -2.83 11.30 18.69
CA ILE B 100 -3.27 11.72 20.01
C ILE B 100 -4.76 12.04 20.13
N ASP B 101 -5.42 11.40 21.10
CA ASP B 101 -6.83 11.64 21.37
C ASP B 101 -6.83 12.44 22.66
N GLU B 102 -7.76 13.38 22.81
CA GLU B 102 -7.79 14.21 24.02
C GLU B 102 -7.91 13.45 25.34
N GLU B 103 -8.78 12.44 25.37
CA GLU B 103 -9.01 11.66 26.58
C GLU B 103 -8.03 10.52 26.79
N ARG B 104 -7.81 9.75 25.73
CA ARG B 104 -6.95 8.59 25.79
C ARG B 104 -5.45 8.79 25.61
N GLY B 105 -5.05 9.92 25.06
CA GLY B 105 -3.65 10.15 24.83
C GLY B 105 -3.21 9.44 23.57
N ARG B 106 -1.95 9.02 23.50
CA ARG B 106 -1.44 8.32 22.32
C ARG B 106 -2.14 7.01 22.02
N VAL B 107 -2.60 6.86 20.78
CA VAL B 107 -3.27 5.64 20.35
C VAL B 107 -2.56 5.04 19.12
N ASP B 108 -1.31 5.47 18.90
CA ASP B 108 -0.54 4.97 17.75
C ASP B 108 0.26 3.73 18.09
N HIS B 109 0.45 2.86 17.09
CA HIS B 109 1.26 1.66 17.29
C HIS B 109 0.85 1.02 18.62
N ASP B 110 -0.45 0.93 18.85
CA ASP B 110 -0.97 0.35 20.08
C ASP B 110 -1.26 -1.16 19.92
N LYS B 111 -0.62 -1.97 20.76
CA LYS B 111 -0.75 -3.43 20.70
C LYS B 111 -2.15 -4.04 20.76
N GLU B 112 -3.14 -3.23 21.13
CA GLU B 112 -4.52 -3.70 21.21
C GLU B 112 -5.43 -3.01 20.21
N LEU B 113 -5.19 -1.72 19.98
CA LEU B 113 -6.02 -0.96 19.04
C LEU B 113 -5.70 -1.27 17.57
N LEU B 114 -4.41 -1.39 17.27
CA LEU B 114 -3.95 -1.69 15.91
C LEU B 114 -4.65 -0.85 14.86
N LEU B 115 -4.78 0.44 15.15
CA LEU B 115 -5.46 1.36 14.24
C LEU B 115 -4.82 1.40 12.85
N GLU B 116 -3.50 1.53 12.79
CA GLU B 116 -2.83 1.58 11.48
C GLU B 116 -3.17 0.38 10.61
N ILE B 117 -3.30 -0.79 11.22
CA ILE B 117 -3.61 -2.01 10.47
C ILE B 117 -5.00 -2.01 9.84
N VAL B 118 -6.04 -1.61 10.57
CA VAL B 118 -7.36 -1.59 9.97
C VAL B 118 -7.49 -0.39 9.04
N ASP B 119 -6.70 0.64 9.29
CA ASP B 119 -6.71 1.82 8.40
C ASP B 119 -6.32 1.31 7.00
N ASN B 120 -5.32 0.44 6.96
CA ASN B 120 -4.86 -0.13 5.69
C ASN B 120 -5.98 -0.97 5.05
N GLU B 121 -6.73 -1.71 5.86
CA GLU B 121 -7.82 -2.51 5.30
C GLU B 121 -8.87 -1.57 4.68
N MET B 122 -9.11 -0.45 5.37
CA MET B 122 -10.05 0.57 4.91
C MET B 122 -9.64 0.99 3.49
N SER B 123 -8.36 1.30 3.34
CA SER B 123 -7.80 1.71 2.04
C SER B 123 -8.14 0.71 0.95
N LYS B 124 -7.95 -0.56 1.26
CA LYS B 124 -8.21 -1.64 0.30
C LYS B 124 -9.72 -1.75 0.06
N PHE B 125 -10.49 -1.50 1.11
CA PHE B 125 -11.95 -1.54 1.01
C PHE B 125 -12.36 -0.49 -0.02
N ALA B 126 -11.83 0.72 0.16
CA ALA B 126 -12.09 1.82 -0.74
C ALA B 126 -11.66 1.50 -2.16
N GLU B 127 -10.50 0.84 -2.28
CA GLU B 127 -9.95 0.48 -3.59
C GLU B 127 -10.84 -0.52 -4.32
N LEU B 128 -11.35 -1.53 -3.62
CA LEU B 128 -12.21 -2.53 -4.24
C LEU B 128 -13.58 -1.92 -4.57
N GLU B 129 -13.92 -0.88 -3.84
CA GLU B 129 -15.18 -0.17 -4.02
C GLU B 129 -15.27 0.54 -5.38
N PHE B 130 -14.21 1.26 -5.74
CA PHE B 130 -14.18 2.01 -6.99
C PHE B 130 -13.30 1.45 -8.11
N HIS B 131 -12.00 1.68 -8.00
CA HIS B 131 -10.99 1.24 -9.00
C HIS B 131 -11.44 0.28 -10.10
N GLN B 132 -11.23 0.70 -11.35
CA GLN B 132 -11.60 -0.13 -12.48
C GLN B 132 -13.09 -0.22 -12.80
N HIS B 133 -13.93 -0.06 -11.78
CA HIS B 133 -15.38 -0.15 -11.95
C HIS B 133 -16.01 0.98 -12.76
N LEU B 134 -17.03 0.63 -13.55
CA LEU B 134 -17.76 1.60 -14.36
C LEU B 134 -19.19 1.74 -13.87
N GLY B 135 -19.67 2.97 -13.78
CA GLY B 135 -21.04 3.19 -13.34
C GLY B 135 -21.24 3.20 -11.85
N VAL B 136 -20.14 3.27 -11.09
CA VAL B 136 -20.23 3.31 -9.64
C VAL B 136 -20.46 4.76 -9.22
N SER B 137 -21.55 4.99 -8.50
CA SER B 137 -21.87 6.33 -8.02
C SER B 137 -20.83 6.75 -6.99
N ASP B 138 -20.60 8.05 -6.88
CA ASP B 138 -19.65 8.55 -5.91
C ASP B 138 -20.40 8.88 -4.62
N CYS B 139 -19.67 9.25 -3.58
CA CYS B 139 -20.27 9.63 -2.31
C CYS B 139 -19.18 10.40 -1.58
N SER B 140 -19.45 10.81 -0.34
CA SER B 140 -18.45 11.54 0.42
C SER B 140 -17.51 10.53 1.05
N PHE B 141 -16.32 10.98 1.41
CA PHE B 141 -15.34 10.12 2.04
C PHE B 141 -15.95 9.61 3.34
N PHE B 142 -16.61 10.52 4.05
CA PHE B 142 -17.27 10.21 5.30
C PHE B 142 -18.20 9.00 5.14
N GLN B 143 -19.06 9.07 4.13
CA GLN B 143 -20.00 8.00 3.86
C GLN B 143 -19.29 6.68 3.58
N LEU B 144 -18.17 6.75 2.84
CA LEU B 144 -17.41 5.55 2.52
C LEU B 144 -16.93 4.88 3.79
N VAL B 145 -16.44 5.67 4.74
CA VAL B 145 -15.96 5.14 6.02
C VAL B 145 -17.12 4.51 6.82
N MET B 146 -18.29 5.14 6.78
CA MET B 146 -19.45 4.61 7.50
C MET B 146 -19.82 3.24 6.96
N LYS B 147 -19.76 3.10 5.65
CA LYS B 147 -20.10 1.83 5.00
C LYS B 147 -19.11 0.77 5.43
N TYR B 148 -17.83 1.11 5.42
CA TYR B 148 -16.80 0.17 5.83
C TYR B 148 -17.16 -0.35 7.23
N LEU B 149 -17.35 0.57 8.17
CA LEU B 149 -17.67 0.22 9.53
C LEU B 149 -18.87 -0.72 9.64
N LEU B 150 -19.92 -0.42 8.89
CA LEU B 150 -21.12 -1.24 8.93
C LEU B 150 -20.90 -2.64 8.38
N GLN B 151 -20.18 -2.73 7.26
CA GLN B 151 -19.92 -4.01 6.63
C GLN B 151 -18.90 -4.91 7.34
N ARG B 152 -17.96 -4.31 8.07
CA ARG B 152 -16.95 -5.12 8.74
C ARG B 152 -17.11 -5.15 10.26
N ARG B 153 -18.22 -4.60 10.75
CA ARG B 153 -18.50 -4.53 12.20
C ARG B 153 -18.17 -5.82 12.97
N GLN B 154 -18.50 -6.98 12.39
CA GLN B 154 -18.24 -8.26 13.04
C GLN B 154 -16.75 -8.53 13.31
N PHE B 155 -15.89 -7.78 12.65
CA PHE B 155 -14.46 -8.02 12.81
C PHE B 155 -13.70 -6.81 13.37
N LEU B 156 -14.44 -5.90 14.02
CA LEU B 156 -13.82 -4.72 14.61
C LEU B 156 -14.20 -4.64 16.08
N THR B 157 -13.25 -4.26 16.94
CA THR B 157 -13.56 -4.13 18.36
C THR B 157 -14.26 -2.78 18.56
N ASN B 158 -14.94 -2.62 19.70
CA ASN B 158 -15.62 -1.36 19.96
C ASN B 158 -14.72 -0.15 19.79
N ASP B 159 -13.52 -0.22 20.36
CA ASP B 159 -12.56 0.88 20.27
C ASP B 159 -12.00 1.07 18.86
N GLN B 160 -12.03 0.03 18.03
CA GLN B 160 -11.55 0.20 16.67
C GLN B 160 -12.64 0.96 15.91
N ILE B 161 -13.89 0.68 16.25
CA ILE B 161 -15.02 1.34 15.59
C ILE B 161 -15.15 2.79 16.01
N ARG B 162 -14.65 3.11 17.20
CA ARG B 162 -14.74 4.48 17.68
C ARG B 162 -13.61 5.35 17.13
N TYR B 163 -12.38 4.90 17.31
CA TYR B 163 -11.22 5.66 16.86
C TYR B 163 -10.76 5.58 15.41
N LEU B 164 -10.98 4.46 14.74
CA LEU B 164 -10.53 4.34 13.35
C LEU B 164 -11.10 5.41 12.44
N PRO B 165 -12.41 5.70 12.57
CA PRO B 165 -12.98 6.73 11.72
C PRO B 165 -12.32 8.09 11.90
N GLN B 166 -11.87 8.39 13.12
CA GLN B 166 -11.22 9.66 13.39
C GLN B 166 -9.78 9.70 12.90
N LEU B 167 -9.12 8.54 12.86
CA LEU B 167 -7.75 8.48 12.39
C LEU B 167 -7.70 8.53 10.85
N CYS B 168 -8.69 7.92 10.20
CA CYS B 168 -8.78 7.90 8.74
C CYS B 168 -8.77 9.31 8.17
N ARG B 169 -9.24 10.26 8.97
CA ARG B 169 -9.36 11.63 8.54
C ARG B 169 -8.08 12.43 8.33
N TYR B 170 -6.92 11.80 8.57
CA TYR B 170 -5.68 12.51 8.33
C TYR B 170 -5.65 12.86 6.85
N LEU B 171 -6.42 12.14 6.05
CA LEU B 171 -6.50 12.40 4.61
C LEU B 171 -7.11 13.75 4.26
N GLU B 172 -7.85 14.35 5.20
CA GLU B 172 -8.47 15.65 4.97
C GLU B 172 -7.37 16.68 4.77
N LEU B 173 -6.23 16.47 5.43
CA LEU B 173 -5.12 17.39 5.31
C LEU B 173 -4.30 17.20 4.03
N TRP B 174 -4.72 16.27 3.18
CA TRP B 174 -4.02 16.04 1.92
C TRP B 174 -4.80 16.76 0.83
N HIS B 175 -6.11 16.85 1.03
CA HIS B 175 -7.02 17.49 0.09
C HIS B 175 -7.43 18.89 0.51
N GLY B 176 -7.43 19.14 1.81
CA GLY B 176 -7.82 20.44 2.33
C GLY B 176 -9.33 20.55 2.43
N LEU B 177 -9.99 19.40 2.51
CA LEU B 177 -11.46 19.31 2.62
C LEU B 177 -11.94 18.37 3.72
N ASP B 178 -13.00 18.77 4.41
CA ASP B 178 -13.61 17.98 5.47
C ASP B 178 -14.17 16.71 4.83
N TRP B 179 -14.16 15.59 5.56
CA TRP B 179 -14.64 14.34 5.00
C TRP B 179 -16.05 14.30 4.42
N LYS B 180 -16.92 15.21 4.85
CA LYS B 180 -18.28 15.22 4.32
C LYS B 180 -18.36 16.03 3.02
N LEU B 181 -17.31 16.77 2.73
CA LEU B 181 -17.27 17.59 1.52
C LEU B 181 -16.43 16.90 0.44
N LEU B 182 -15.53 16.03 0.88
CA LEU B 182 -14.61 15.31 -0.01
C LEU B 182 -15.18 14.10 -0.76
N SER B 183 -15.01 14.08 -2.08
CA SER B 183 -15.50 12.95 -2.87
C SER B 183 -14.65 11.74 -2.49
N ALA B 184 -15.31 10.62 -2.19
CA ALA B 184 -14.61 9.40 -1.83
C ALA B 184 -13.77 8.84 -2.99
N LYS B 185 -14.25 9.01 -4.21
CA LYS B 185 -13.55 8.50 -5.37
C LYS B 185 -12.15 9.06 -5.51
N ASP B 186 -11.97 10.31 -5.08
CA ASP B 186 -10.69 10.98 -5.20
C ASP B 186 -9.91 11.04 -3.87
N THR B 187 -10.44 10.42 -2.83
CA THR B 187 -9.78 10.45 -1.53
C THR B 187 -8.49 9.66 -1.48
N TYR B 188 -8.57 8.36 -1.80
CA TYR B 188 -7.39 7.51 -1.79
C TYR B 188 -6.66 7.53 -3.11
N PHE B 189 -5.37 7.19 -3.05
CA PHE B 189 -4.51 7.14 -4.22
C PHE B 189 -3.06 6.92 -3.80
N GLY B 190 -2.31 6.18 -4.62
CA GLY B 190 -0.92 5.91 -4.30
C GLY B 190 0.03 7.07 -4.50
N HIS B 191 1.10 7.08 -3.70
CA HIS B 191 2.13 8.10 -3.79
C HIS B 191 3.38 7.39 -4.27
N GLN B 192 4.02 7.95 -5.28
CA GLN B 192 5.23 7.35 -5.86
C GLN B 192 6.47 7.61 -5.01
N GLY B 193 6.60 6.90 -3.90
CA GLY B 193 7.76 7.09 -3.05
C GLY B 193 7.58 8.06 -1.90
N ARG B 194 8.64 8.21 -1.11
CA ARG B 194 8.65 9.10 0.04
C ARG B 194 8.59 10.58 -0.33
N ASN B 195 8.24 11.40 0.65
CA ASN B 195 8.17 12.84 0.45
C ASN B 195 9.49 13.45 0.92
N ALA B 196 9.87 14.58 0.31
CA ALA B 196 11.08 15.28 0.71
C ALA B 196 10.72 16.74 1.02
N PHE B 197 10.94 17.12 2.28
CA PHE B 197 10.65 18.47 2.77
C PHE B 197 11.65 19.46 2.17
N ALA B 198 11.16 20.46 1.43
CA ALA B 198 12.05 21.43 0.83
C ALA B 198 12.60 22.37 1.88
N LEU B 199 13.92 22.56 1.86
CA LEU B 199 14.55 23.43 2.83
C LEU B 199 14.69 24.76 2.12
N ASN B 200 13.52 25.29 1.81
CA ASN B 200 13.38 26.55 1.13
C ASN B 200 12.83 26.32 -0.26
N TYR B 201 11.50 26.25 -0.40
CA TYR B 201 10.97 26.10 -1.75
C TYR B 201 11.36 27.37 -2.51
N ASP B 202 11.60 28.45 -1.78
CA ASP B 202 11.99 29.70 -2.41
C ASP B 202 13.35 29.58 -3.12
N SER B 203 14.15 28.58 -2.75
CA SER B 203 15.46 28.39 -3.40
C SER B 203 15.22 27.76 -4.77
N VAL B 204 14.12 27.03 -4.90
CA VAL B 204 13.76 26.40 -6.15
C VAL B 204 13.20 27.48 -7.07
N VAL B 205 12.35 28.33 -6.50
CA VAL B 205 11.74 29.43 -7.24
C VAL B 205 12.82 30.35 -7.84
N GLN B 206 13.81 30.73 -7.03
CA GLN B 206 14.87 31.61 -7.51
C GLN B 206 15.74 31.00 -8.61
N ARG B 207 16.06 29.72 -8.51
CA ARG B 207 16.88 29.07 -9.54
C ARG B 207 16.19 29.16 -10.90
N ILE B 208 14.90 28.86 -10.92
CA ILE B 208 14.15 28.90 -12.18
C ILE B 208 13.97 30.34 -12.68
N ALA B 209 13.77 31.28 -11.75
CA ALA B 209 13.57 32.68 -12.12
C ALA B 209 14.84 33.30 -12.71
N GLN B 210 15.99 32.77 -12.31
CA GLN B 210 17.26 33.29 -12.78
C GLN B 210 17.76 32.64 -14.07
N SER B 211 17.02 31.65 -14.55
CA SER B 211 17.41 30.91 -15.76
C SER B 211 16.90 31.53 -17.06
N PHE B 212 16.38 32.76 -17.02
CA PHE B 212 15.92 33.40 -18.25
C PHE B 212 16.16 34.91 -18.17
N PRO B 213 16.17 35.61 -19.33
CA PRO B 213 16.40 37.06 -19.34
C PRO B 213 15.62 37.78 -18.25
N GLN B 214 16.34 38.49 -17.39
CA GLN B 214 15.71 39.19 -16.29
C GLN B 214 14.85 40.39 -16.67
N ASN B 215 14.99 40.86 -17.90
CA ASN B 215 14.19 41.99 -18.33
C ASN B 215 12.82 41.50 -18.73
N TRP B 216 12.63 40.18 -18.75
CA TRP B 216 11.34 39.58 -19.12
C TRP B 216 10.30 39.73 -18.02
N LEU B 217 10.76 39.71 -16.77
CA LEU B 217 9.89 39.78 -15.62
C LEU B 217 9.34 41.15 -15.33
N LYS B 218 8.02 41.24 -15.31
CA LYS B 218 7.33 42.50 -15.02
C LYS B 218 6.35 42.24 -13.88
N LEU B 219 6.78 42.51 -12.65
CA LEU B 219 5.91 42.32 -11.48
C LEU B 219 4.93 43.49 -11.35
N SER B 220 4.02 43.41 -10.39
CA SER B 220 3.04 44.48 -10.18
C SER B 220 2.18 44.90 -11.38
N CYS B 221 2.02 44.06 -12.42
CA CYS B 221 1.16 44.41 -13.56
C CYS B 221 0.04 43.38 -13.55
N GLU B 222 -1.16 43.81 -13.18
CA GLU B 222 -2.30 42.92 -13.17
C GLU B 222 -2.93 42.96 -14.56
N VAL B 223 -3.07 41.80 -15.17
CA VAL B 223 -3.67 41.71 -16.51
C VAL B 223 -5.19 41.74 -16.37
N LYS B 224 -5.83 42.62 -17.14
CA LYS B 224 -7.28 42.78 -17.11
C LYS B 224 -8.06 42.17 -18.29
N SER B 225 -7.42 42.00 -19.45
CA SER B 225 -8.13 41.41 -20.59
C SER B 225 -7.22 40.86 -21.67
N ILE B 226 -7.72 39.83 -22.34
CA ILE B 226 -6.99 39.14 -23.39
C ILE B 226 -7.92 39.11 -24.60
N THR B 227 -7.40 39.59 -25.72
CA THR B 227 -8.20 39.65 -26.94
C THR B 227 -7.51 39.03 -28.15
N ARG B 228 -8.21 38.13 -28.81
CA ARG B 228 -7.66 37.47 -29.99
C ARG B 228 -8.05 38.20 -31.26
N GLU B 229 -7.05 38.79 -31.92
CA GLU B 229 -7.27 39.51 -33.17
C GLU B 229 -7.30 38.43 -34.26
N PRO B 230 -8.45 38.19 -34.90
CA PRO B 230 -8.48 37.16 -35.94
C PRO B 230 -7.50 37.47 -37.07
N SER B 231 -6.20 37.34 -36.75
CA SER B 231 -5.12 37.60 -37.69
C SER B 231 -3.81 37.14 -37.08
N LYS B 232 -3.89 36.21 -36.13
CA LYS B 232 -2.71 35.67 -35.49
C LYS B 232 -2.08 36.62 -34.48
N ASN B 233 -2.91 37.35 -33.76
CA ASN B 233 -2.39 38.30 -32.77
C ASN B 233 -3.27 38.35 -31.53
N VAL B 234 -2.64 38.31 -30.36
CA VAL B 234 -3.35 38.36 -29.09
C VAL B 234 -2.97 39.64 -28.36
N THR B 235 -3.97 40.47 -28.06
CA THR B 235 -3.75 41.74 -27.37
C THR B 235 -3.97 41.53 -25.87
N VAL B 236 -3.02 42.00 -25.08
CA VAL B 236 -3.08 41.87 -23.62
C VAL B 236 -2.96 43.23 -22.93
N ASN B 237 -3.94 43.57 -22.11
CA ASN B 237 -3.94 44.86 -21.42
C ASN B 237 -3.65 44.74 -19.94
N CYS B 238 -2.68 45.50 -19.44
CA CYS B 238 -2.35 45.50 -18.00
C CYS B 238 -3.29 46.56 -17.39
N GLU B 239 -3.43 46.56 -16.07
CA GLU B 239 -4.32 47.52 -15.42
C GLU B 239 -3.75 48.94 -15.51
N ASP B 240 -2.42 49.06 -15.50
CA ASP B 240 -1.78 50.37 -15.59
C ASP B 240 -1.89 50.93 -17.02
N GLY B 241 -2.70 50.29 -17.84
CA GLY B 241 -2.90 50.77 -19.21
C GLY B 241 -1.94 50.31 -20.30
N THR B 242 -0.83 49.66 -19.95
CA THR B 242 0.11 49.21 -20.97
C THR B 242 -0.56 48.16 -21.84
N VAL B 243 -0.34 48.26 -23.15
CA VAL B 243 -0.92 47.34 -24.09
C VAL B 243 0.16 46.55 -24.81
N TYR B 244 -0.06 45.25 -24.96
CA TYR B 244 0.89 44.37 -25.63
C TYR B 244 0.21 43.49 -26.67
N ASN B 245 0.99 43.09 -27.66
CA ASN B 245 0.50 42.20 -28.70
C ASN B 245 1.52 41.09 -28.83
N ALA B 246 1.04 39.85 -28.76
CA ALA B 246 1.95 38.71 -28.85
C ALA B 246 1.34 37.59 -29.69
N ASP B 247 2.21 36.73 -30.24
CA ASP B 247 1.77 35.61 -31.06
C ASP B 247 1.08 34.54 -30.23
N TYR B 248 1.60 34.31 -29.03
CA TYR B 248 1.04 33.32 -28.12
C TYR B 248 1.00 33.84 -26.70
N VAL B 249 0.08 33.34 -25.90
CA VAL B 249 0.01 33.70 -24.49
C VAL B 249 -0.23 32.42 -23.71
N ILE B 250 0.45 32.30 -22.58
CA ILE B 250 0.29 31.14 -21.71
C ILE B 250 -0.31 31.72 -20.43
N ILE B 251 -1.56 31.36 -20.14
CA ILE B 251 -2.27 31.86 -18.98
C ILE B 251 -2.16 30.87 -17.82
N THR B 252 -1.48 31.27 -16.75
CA THR B 252 -1.30 30.35 -15.62
C THR B 252 -2.01 30.78 -14.32
N VAL B 253 -2.99 31.67 -14.42
CA VAL B 253 -3.66 32.10 -13.20
C VAL B 253 -4.38 30.92 -12.57
N PRO B 254 -4.50 30.93 -11.23
CA PRO B 254 -5.18 29.85 -10.48
C PRO B 254 -6.55 29.58 -11.04
N GLN B 255 -6.97 28.32 -11.01
CA GLN B 255 -8.29 27.95 -11.50
C GLN B 255 -9.43 28.75 -10.85
N SER B 256 -9.25 29.17 -9.59
CA SER B 256 -10.30 29.92 -8.91
C SER B 256 -10.38 31.34 -9.48
N VAL B 257 -9.24 31.87 -9.93
CA VAL B 257 -9.21 33.21 -10.49
C VAL B 257 -9.76 33.22 -11.93
N LEU B 258 -9.44 32.18 -12.69
CA LEU B 258 -9.91 32.10 -14.08
C LEU B 258 -11.42 31.93 -14.11
N ASN B 259 -11.96 31.34 -13.06
CA ASN B 259 -13.40 31.11 -12.95
C ASN B 259 -14.18 32.42 -12.98
N LEU B 260 -13.55 33.51 -12.52
CA LEU B 260 -14.21 34.80 -12.49
C LEU B 260 -14.55 35.25 -13.90
N SER B 261 -13.73 34.82 -14.87
CA SER B 261 -13.95 35.20 -16.28
C SER B 261 -15.34 34.88 -16.80
N VAL B 262 -15.91 33.77 -16.34
CA VAL B 262 -17.23 33.34 -16.80
C VAL B 262 -18.36 33.92 -15.96
N GLN B 263 -18.18 35.16 -15.52
CA GLN B 263 -19.18 35.85 -14.71
C GLN B 263 -19.16 37.33 -15.01
N PRO B 264 -20.30 38.00 -14.82
CA PRO B 264 -20.42 39.44 -15.07
C PRO B 264 -19.75 40.20 -13.92
N GLU B 265 -19.20 41.37 -14.22
CA GLU B 265 -18.50 42.24 -13.26
C GLU B 265 -17.00 42.06 -13.49
N LYS B 266 -16.38 43.04 -14.17
CA LYS B 266 -14.97 42.96 -14.47
C LYS B 266 -14.11 43.79 -13.52
N ASN B 267 -14.65 44.11 -12.34
CA ASN B 267 -13.89 44.91 -11.38
C ASN B 267 -13.23 44.06 -10.30
N LEU B 268 -13.49 42.74 -10.28
CA LEU B 268 -12.86 41.87 -9.28
C LEU B 268 -11.35 41.81 -9.53
N ARG B 269 -10.57 41.76 -8.46
CA ARG B 269 -9.12 41.68 -8.59
C ARG B 269 -8.71 40.36 -9.23
N GLY B 270 -7.83 40.44 -10.24
CA GLY B 270 -7.36 39.25 -10.92
C GLY B 270 -8.15 38.80 -12.14
N ARG B 271 -9.42 39.18 -12.23
CA ARG B 271 -10.26 38.78 -13.35
C ARG B 271 -9.77 39.20 -14.74
N ILE B 272 -9.86 38.27 -15.67
CA ILE B 272 -9.45 38.55 -17.05
C ILE B 272 -10.67 38.52 -17.97
N GLU B 273 -10.86 39.59 -18.74
CA GLU B 273 -11.95 39.70 -19.69
C GLU B 273 -11.48 39.06 -20.99
N PHE B 274 -12.16 37.99 -21.41
CA PHE B 274 -11.82 37.26 -22.60
C PHE B 274 -12.71 37.57 -23.82
N GLN B 275 -12.10 37.98 -24.91
CA GLN B 275 -12.82 38.27 -26.13
C GLN B 275 -12.09 37.63 -27.33
N PRO B 276 -12.75 36.66 -27.99
CA PRO B 276 -14.09 36.18 -27.65
C PRO B 276 -14.04 35.51 -26.29
N PRO B 277 -15.19 35.37 -25.60
CA PRO B 277 -15.19 34.73 -24.28
C PRO B 277 -14.74 33.27 -24.31
N LEU B 278 -14.31 32.77 -23.16
CA LEU B 278 -13.87 31.39 -23.03
C LEU B 278 -14.91 30.47 -23.66
N LYS B 279 -14.45 29.53 -24.46
CA LYS B 279 -15.36 28.59 -25.13
C LYS B 279 -16.26 27.85 -24.14
N PRO B 280 -17.44 27.43 -24.61
CA PRO B 280 -18.38 26.71 -23.74
C PRO B 280 -17.80 25.50 -23.03
N VAL B 281 -16.89 24.80 -23.71
CA VAL B 281 -16.29 23.61 -23.11
C VAL B 281 -15.52 23.94 -21.83
N ILE B 282 -14.90 25.12 -21.80
CA ILE B 282 -14.13 25.54 -20.63
C ILE B 282 -15.02 26.00 -19.46
N GLN B 283 -15.92 26.94 -19.73
CA GLN B 283 -16.81 27.43 -18.67
C GLN B 283 -17.47 26.28 -17.94
N ASP B 284 -18.08 25.40 -18.72
CA ASP B 284 -18.79 24.24 -18.20
C ASP B 284 -17.95 23.30 -17.35
N ALA B 285 -16.65 23.25 -17.62
CA ALA B 285 -15.77 22.37 -16.85
C ALA B 285 -15.68 22.86 -15.40
N PHE B 286 -15.91 24.16 -15.19
CA PHE B 286 -15.85 24.74 -13.85
C PHE B 286 -16.90 24.13 -12.92
N ASP B 287 -17.86 23.40 -13.47
CA ASP B 287 -18.90 22.78 -12.67
C ASP B 287 -18.49 21.38 -12.18
N LYS B 288 -17.56 20.75 -12.91
CA LYS B 288 -17.10 19.40 -12.57
C LYS B 288 -15.79 19.32 -11.77
N ILE B 289 -15.36 20.44 -11.19
CA ILE B 289 -14.14 20.46 -10.39
C ILE B 289 -14.20 21.65 -9.43
N HIS B 290 -13.56 21.53 -8.27
CA HIS B 290 -13.60 22.64 -7.31
C HIS B 290 -12.26 23.03 -6.73
N PHE B 291 -12.30 23.81 -5.64
CA PHE B 291 -11.10 24.31 -4.99
C PHE B 291 -11.10 24.08 -3.47
N GLY B 292 -10.04 23.44 -2.97
CA GLY B 292 -9.96 23.19 -1.54
C GLY B 292 -9.24 24.30 -0.80
N ALA B 293 -9.19 24.18 0.53
CA ALA B 293 -8.55 25.20 1.31
C ALA B 293 -7.59 24.67 2.36
N LEU B 294 -6.49 24.07 1.92
CA LEU B 294 -5.49 23.61 2.88
C LEU B 294 -4.93 24.89 3.46
N GLY B 295 -4.78 24.94 4.78
CA GLY B 295 -4.25 26.13 5.43
C GLY B 295 -3.15 25.80 6.43
N LYS B 296 -2.40 26.80 6.88
CA LYS B 296 -1.30 26.57 7.83
C LYS B 296 -1.20 27.54 9.02
N VAL B 297 -0.53 27.07 10.07
CA VAL B 297 -0.28 27.86 11.26
C VAL B 297 1.08 27.40 11.80
N ILE B 298 2.00 28.34 11.95
CA ILE B 298 3.33 28.03 12.47
C ILE B 298 3.42 28.49 13.94
N PHE B 299 3.68 27.55 14.85
CA PHE B 299 3.81 27.89 16.25
C PHE B 299 5.29 27.88 16.58
N GLU B 300 5.85 29.06 16.79
CA GLU B 300 7.28 29.18 17.09
C GLU B 300 7.54 29.24 18.60
N PHE B 301 8.42 28.35 19.07
CA PHE B 301 8.77 28.30 20.48
C PHE B 301 10.21 28.76 20.71
N GLU B 302 10.50 29.18 21.94
CA GLU B 302 11.83 29.65 22.31
C GLU B 302 12.88 28.57 22.03
N GLU B 303 12.67 27.38 22.58
CA GLU B 303 13.61 26.28 22.37
C GLU B 303 12.90 24.95 22.62
N CYS B 304 13.45 23.86 22.08
CA CYS B 304 12.84 22.55 22.26
C CYS B 304 13.07 21.98 23.67
N CYS B 305 11.97 21.67 24.34
CA CYS B 305 12.01 21.09 25.68
C CYS B 305 10.99 19.97 25.67
N TRP B 306 10.91 19.27 24.54
CA TRP B 306 9.97 18.17 24.36
C TRP B 306 10.60 17.00 23.60
N SER B 307 10.00 15.83 23.72
CA SER B 307 10.50 14.62 23.05
C SER B 307 10.56 14.73 21.53
N ASN B 308 11.63 14.23 20.92
CA ASN B 308 11.74 14.28 19.47
C ASN B 308 11.68 12.89 18.85
N GLU B 309 10.77 12.08 19.38
CA GLU B 309 10.58 10.72 18.88
C GLU B 309 10.14 10.73 17.42
N SER B 310 9.32 11.72 17.04
CA SER B 310 8.81 11.79 15.68
C SER B 310 8.53 13.21 15.19
N SER B 311 8.58 13.38 13.87
CA SER B 311 8.32 14.68 13.27
C SER B 311 6.88 14.79 12.78
N LYS B 312 6.10 13.73 12.94
CA LYS B 312 4.72 13.71 12.49
C LYS B 312 3.74 13.42 13.63
N ILE B 313 2.87 14.39 13.91
CA ILE B 313 1.90 14.26 14.98
C ILE B 313 0.50 14.65 14.52
N VAL B 314 -0.49 13.82 14.80
CA VAL B 314 -1.86 14.12 14.42
C VAL B 314 -2.83 13.97 15.59
N THR B 315 -3.56 15.05 15.87
CA THR B 315 -4.55 15.06 16.94
C THR B 315 -5.90 14.74 16.31
N LEU B 316 -6.53 13.68 16.78
CA LEU B 316 -7.83 13.26 16.24
C LEU B 316 -8.98 14.07 16.83
N ALA B 317 -10.07 14.19 16.08
CA ALA B 317 -11.24 14.90 16.55
C ALA B 317 -11.97 14.01 17.57
N ASN B 318 -12.57 14.63 18.58
CA ASN B 318 -13.31 13.90 19.61
C ASN B 318 -14.28 12.88 19.04
N SER B 319 -14.41 11.76 19.75
CA SER B 319 -15.32 10.68 19.35
C SER B 319 -16.12 10.22 20.57
N THR B 320 -17.20 9.48 20.32
CA THR B 320 -18.02 9.02 21.43
C THR B 320 -18.37 7.54 21.35
N ASN B 321 -18.72 6.97 22.50
CA ASN B 321 -19.11 5.56 22.58
C ASN B 321 -20.51 5.38 21.98
N GLU B 322 -21.32 6.42 22.00
CA GLU B 322 -22.66 6.35 21.45
C GLU B 322 -22.59 6.05 19.96
N PHE B 323 -21.49 6.47 19.33
CA PHE B 323 -21.30 6.23 17.91
C PHE B 323 -21.18 4.73 17.70
N VAL B 324 -20.43 4.08 18.59
CA VAL B 324 -20.22 2.64 18.53
C VAL B 324 -21.55 1.89 18.60
N GLU B 325 -22.30 2.12 19.68
CA GLU B 325 -23.59 1.46 19.88
C GLU B 325 -24.48 1.64 18.65
N ILE B 326 -24.44 2.84 18.06
CA ILE B 326 -25.25 3.12 16.88
C ILE B 326 -24.79 2.29 15.69
N VAL B 327 -23.48 2.12 15.57
CA VAL B 327 -22.93 1.31 14.49
C VAL B 327 -23.28 -0.15 14.77
N ARG B 328 -23.27 -0.51 16.05
CA ARG B 328 -23.61 -1.88 16.47
C ARG B 328 -25.09 -2.17 16.24
N ASN B 329 -25.96 -1.21 16.56
CA ASN B 329 -27.39 -1.40 16.39
C ASN B 329 -27.94 -1.13 14.99
N ALA B 330 -27.22 -0.34 14.20
CA ALA B 330 -27.67 -0.04 12.85
C ALA B 330 -28.10 -1.31 12.13
N GLU B 331 -29.18 -1.25 11.36
CA GLU B 331 -29.65 -2.43 10.65
C GLU B 331 -29.25 -2.40 9.17
N ASN B 332 -28.93 -1.22 8.67
CA ASN B 332 -28.52 -1.06 7.29
C ASN B 332 -28.03 0.37 7.09
N LEU B 333 -27.54 0.66 5.88
CA LEU B 333 -27.02 1.98 5.55
C LEU B 333 -28.00 3.11 5.82
N ASP B 334 -29.27 2.91 5.48
CA ASP B 334 -30.29 3.92 5.70
C ASP B 334 -30.50 4.19 7.18
N GLU B 335 -30.75 3.15 7.96
CA GLU B 335 -30.95 3.34 9.39
C GLU B 335 -29.76 4.07 9.99
N LEU B 336 -28.56 3.63 9.61
CA LEU B 336 -27.33 4.23 10.13
C LEU B 336 -27.23 5.69 9.73
N ASP B 337 -27.50 6.01 8.47
CA ASP B 337 -27.45 7.38 7.98
C ASP B 337 -28.47 8.22 8.73
N SER B 338 -29.60 7.60 9.06
CA SER B 338 -30.65 8.30 9.80
C SER B 338 -30.29 8.45 11.27
N MET B 339 -30.09 7.32 11.96
CA MET B 339 -29.74 7.32 13.37
C MET B 339 -28.68 8.36 13.67
N LEU B 340 -27.79 8.59 12.72
CA LEU B 340 -26.73 9.58 12.87
C LEU B 340 -27.35 10.96 12.64
N GLU B 341 -27.92 11.50 13.71
CA GLU B 341 -28.56 12.82 13.69
C GLU B 341 -29.07 13.09 15.09
N ARG B 342 -28.51 14.12 15.73
CA ARG B 342 -28.89 14.49 17.08
C ARG B 342 -29.12 16.00 17.23
N GLU B 343 -28.87 16.52 18.44
CA GLU B 343 -29.06 17.94 18.71
C GLU B 343 -27.74 18.68 18.60
N THR B 349 -21.76 23.39 21.04
CA THR B 349 -22.10 23.09 19.65
C THR B 349 -21.27 23.93 18.69
N SER B 350 -20.25 24.60 19.22
CA SER B 350 -19.39 25.42 18.38
C SER B 350 -18.17 24.65 17.93
N VAL B 351 -17.38 25.24 17.03
CA VAL B 351 -16.17 24.59 16.55
C VAL B 351 -14.97 24.90 17.42
N THR B 352 -14.24 23.87 17.82
CA THR B 352 -13.04 24.03 18.64
C THR B 352 -11.90 23.27 17.99
N CYS B 353 -10.74 23.24 18.64
CA CYS B 353 -9.57 22.55 18.09
C CYS B 353 -9.69 21.03 18.13
N TRP B 354 -10.79 20.53 18.69
CA TRP B 354 -11.04 19.09 18.79
C TRP B 354 -12.18 18.66 17.87
N SER B 355 -12.71 19.60 17.12
CA SER B 355 -13.83 19.32 16.23
C SER B 355 -13.39 18.72 14.89
N GLN B 356 -12.09 18.74 14.63
CA GLN B 356 -11.57 18.19 13.39
C GLN B 356 -10.13 17.77 13.60
N PRO B 357 -9.62 16.86 12.76
CA PRO B 357 -8.23 16.41 12.90
C PRO B 357 -7.27 17.53 12.52
N LEU B 358 -6.12 17.59 13.20
CA LEU B 358 -5.12 18.60 12.91
C LEU B 358 -3.77 17.89 12.78
N PHE B 359 -2.99 18.27 11.76
CA PHE B 359 -1.68 17.68 11.50
C PHE B 359 -0.54 18.61 11.91
N PHE B 360 0.37 18.12 12.75
CA PHE B 360 1.48 18.93 13.21
C PHE B 360 2.82 18.36 12.79
N VAL B 361 3.70 19.23 12.29
CA VAL B 361 5.02 18.78 11.88
C VAL B 361 6.01 19.28 12.93
N ASN B 362 6.59 18.37 13.69
CA ASN B 362 7.58 18.72 14.71
C ASN B 362 8.91 18.99 14.02
N LEU B 363 9.13 20.24 13.63
CA LEU B 363 10.36 20.65 12.94
C LEU B 363 11.65 20.49 13.73
N SER B 364 11.53 20.41 15.05
CA SER B 364 12.70 20.27 15.89
C SER B 364 13.48 19.00 15.53
N LYS B 365 12.78 17.92 15.21
CA LYS B 365 13.47 16.67 14.85
C LYS B 365 13.99 16.70 13.42
N SER B 366 13.14 17.11 12.48
CA SER B 366 13.52 17.12 11.07
C SER B 366 14.50 18.20 10.65
N THR B 367 14.37 19.41 11.20
CA THR B 367 15.23 20.52 10.83
C THR B 367 15.97 21.13 12.00
N GLY B 368 15.68 20.66 13.20
CA GLY B 368 16.34 21.20 14.38
C GLY B 368 15.80 22.57 14.79
N VAL B 369 14.71 23.02 14.18
CA VAL B 369 14.14 24.32 14.54
C VAL B 369 13.00 24.11 15.55
N ALA B 370 13.01 24.86 16.65
CA ALA B 370 11.99 24.69 17.68
C ALA B 370 10.59 25.25 17.34
N SER B 371 9.97 24.68 16.30
CA SER B 371 8.66 25.13 15.89
C SER B 371 7.76 24.01 15.37
N PHE B 372 6.47 24.30 15.32
CA PHE B 372 5.47 23.37 14.82
C PHE B 372 4.81 23.96 13.58
N MET B 373 4.71 23.16 12.52
CA MET B 373 4.03 23.57 11.30
C MET B 373 2.77 22.71 11.31
N MET B 374 1.61 23.34 11.43
CA MET B 374 0.34 22.63 11.48
C MET B 374 -0.52 22.86 10.23
N LEU B 375 -1.15 21.80 9.74
CA LEU B 375 -2.01 21.92 8.58
C LEU B 375 -3.47 21.85 9.00
N MET B 376 -4.31 22.67 8.36
CA MET B 376 -5.73 22.67 8.65
C MET B 376 -6.52 22.55 7.37
N GLN B 377 -7.80 22.24 7.46
CA GLN B 377 -8.63 22.06 6.29
C GLN B 377 -9.90 22.90 6.37
N ALA B 378 -10.69 22.87 5.29
CA ALA B 378 -11.94 23.59 5.24
C ALA B 378 -12.98 22.71 5.94
N PRO B 379 -13.97 23.33 6.60
CA PRO B 379 -14.17 24.78 6.70
C PRO B 379 -13.32 25.50 7.73
N LEU B 380 -12.60 24.77 8.57
CA LEU B 380 -11.78 25.45 9.58
C LEU B 380 -10.82 26.50 8.99
N THR B 381 -10.15 26.17 7.89
CA THR B 381 -9.20 27.07 7.25
C THR B 381 -9.75 28.46 7.02
N ASN B 382 -10.93 28.53 6.41
CA ASN B 382 -11.54 29.81 6.12
C ASN B 382 -11.78 30.59 7.40
N HIS B 383 -12.24 29.90 8.44
CA HIS B 383 -12.50 30.57 9.71
C HIS B 383 -11.23 31.05 10.39
N ILE B 384 -10.19 30.23 10.39
CA ILE B 384 -8.92 30.63 11.02
C ILE B 384 -8.22 31.75 10.25
N GLU B 385 -8.25 31.72 8.93
CA GLU B 385 -7.59 32.78 8.18
C GLU B 385 -8.35 34.08 8.38
N SER B 386 -9.66 33.96 8.60
CA SER B 386 -10.49 35.16 8.80
C SER B 386 -10.22 35.83 10.15
N ILE B 387 -9.30 35.30 10.95
CA ILE B 387 -8.94 35.91 12.24
C ILE B 387 -7.43 35.85 12.48
N ARG B 388 -6.66 35.59 11.44
CA ARG B 388 -5.20 35.50 11.60
C ARG B 388 -4.60 36.69 12.33
N GLU B 389 -5.32 37.80 12.34
CA GLU B 389 -4.84 39.00 12.99
C GLU B 389 -4.94 39.03 14.52
N ASP B 390 -5.86 38.26 15.08
CA ASP B 390 -6.08 38.20 16.52
C ASP B 390 -5.25 37.05 17.10
N LYS B 391 -3.97 37.31 17.38
CA LYS B 391 -3.06 36.30 17.89
C LYS B 391 -3.47 35.67 19.23
N GLU B 392 -4.07 36.47 20.12
CA GLU B 392 -4.53 35.96 21.41
C GLU B 392 -5.68 34.98 21.16
N ARG B 393 -6.60 35.38 20.29
CA ARG B 393 -7.73 34.52 19.98
C ARG B 393 -7.24 33.21 19.39
N LEU B 394 -6.13 33.27 18.65
CA LEU B 394 -5.59 32.06 18.04
C LEU B 394 -5.00 31.13 19.10
N PHE B 395 -4.21 31.70 20.00
CA PHE B 395 -3.58 30.92 21.07
C PHE B 395 -4.62 30.24 21.95
N SER B 396 -5.74 30.91 22.20
CA SER B 396 -6.77 30.33 23.03
C SER B 396 -7.42 29.16 22.31
N PHE B 397 -7.67 29.35 21.02
CA PHE B 397 -8.30 28.31 20.22
C PHE B 397 -7.46 27.03 20.11
N PHE B 398 -6.13 27.16 20.03
CA PHE B 398 -5.26 25.99 19.90
C PHE B 398 -4.59 25.51 21.18
N GLN B 399 -4.66 26.31 22.23
CA GLN B 399 -4.02 25.96 23.50
C GLN B 399 -4.29 24.52 23.97
N PRO B 400 -5.56 24.08 23.96
CA PRO B 400 -5.78 22.71 24.42
C PRO B 400 -5.06 21.63 23.61
N VAL B 401 -5.03 21.74 22.28
CA VAL B 401 -4.32 20.70 21.52
C VAL B 401 -2.82 20.85 21.71
N LEU B 402 -2.35 22.07 21.87
CA LEU B 402 -0.91 22.26 22.07
C LEU B 402 -0.50 21.65 23.41
N ASN B 403 -1.32 21.85 24.45
CA ASN B 403 -1.00 21.29 25.77
C ASN B 403 -0.99 19.77 25.73
N LYS B 404 -2.04 19.18 25.15
CA LYS B 404 -2.13 17.73 25.07
C LYS B 404 -0.92 17.12 24.37
N ILE B 405 -0.43 17.79 23.32
CA ILE B 405 0.72 17.30 22.59
C ILE B 405 1.97 17.35 23.47
N MET B 406 2.15 18.45 24.19
CA MET B 406 3.32 18.60 25.04
C MET B 406 3.31 17.55 26.16
N LYS B 407 2.13 17.23 26.66
CA LYS B 407 2.02 16.24 27.72
C LYS B 407 2.47 14.89 27.17
N CYS B 408 2.04 14.58 25.95
CA CYS B 408 2.40 13.31 25.34
C CYS B 408 3.87 13.22 24.92
N LEU B 409 4.52 14.37 24.76
CA LEU B 409 5.93 14.37 24.41
C LEU B 409 6.81 14.66 25.62
N ASP B 410 6.31 14.27 26.79
CA ASP B 410 7.01 14.43 28.07
C ASP B 410 7.35 15.88 28.43
N SER B 411 6.39 16.77 28.29
CA SER B 411 6.61 18.18 28.61
C SER B 411 5.41 18.76 29.39
N GLU B 412 5.36 20.09 29.50
CA GLU B 412 4.29 20.74 30.26
C GLU B 412 3.47 21.71 29.42
N ASP B 413 2.42 22.27 30.02
CA ASP B 413 1.57 23.23 29.34
C ASP B 413 2.40 24.35 28.76
N VAL B 414 1.92 24.92 27.66
CA VAL B 414 2.65 26.00 27.01
C VAL B 414 2.47 27.32 27.76
N ILE B 415 3.46 28.19 27.62
CA ILE B 415 3.42 29.51 28.26
C ILE B 415 3.32 30.57 27.18
N ASP B 416 2.30 31.43 27.28
CA ASP B 416 2.13 32.49 26.31
C ASP B 416 3.27 33.49 26.46
N GLY B 417 4.18 33.50 25.49
CA GLY B 417 5.30 34.41 25.56
C GLY B 417 5.39 35.27 24.32
N MET B 418 4.26 35.51 23.65
CA MET B 418 4.27 36.33 22.44
C MET B 418 4.49 37.80 22.81
N ARG B 419 4.32 38.11 24.08
CA ARG B 419 4.51 39.47 24.58
C ARG B 419 5.90 39.59 25.22
N ALA B 427 11.88 27.70 32.50
CA ALA B 427 13.01 26.80 32.50
C ALA B 427 12.82 25.62 31.57
N ASN B 428 12.07 24.63 32.02
CA ASN B 428 11.83 23.46 31.20
C ASN B 428 10.43 23.47 30.61
N LYS B 429 9.83 24.66 30.54
CA LYS B 429 8.50 24.82 30.00
C LYS B 429 8.56 25.38 28.57
N PRO B 430 7.62 24.98 27.71
CA PRO B 430 7.59 25.47 26.33
C PRO B 430 7.00 26.88 26.27
N VAL B 431 7.73 27.80 25.68
CA VAL B 431 7.26 29.18 25.58
C VAL B 431 6.96 29.56 24.13
N LEU B 432 5.70 29.87 23.84
CA LEU B 432 5.32 30.25 22.50
C LEU B 432 5.76 31.69 22.25
N ARG B 433 6.64 31.87 21.28
CA ARG B 433 7.14 33.21 20.96
C ARG B 433 6.39 33.91 19.83
N ASN B 434 5.80 33.14 18.92
CA ASN B 434 5.11 33.74 17.78
C ASN B 434 4.19 32.76 17.05
N ILE B 435 3.16 33.30 16.41
CA ILE B 435 2.23 32.48 15.64
C ILE B 435 2.11 33.11 14.25
N ILE B 436 2.28 32.30 13.19
CA ILE B 436 2.17 32.77 11.81
C ILE B 436 1.05 32.01 11.14
N VAL B 437 0.20 32.71 10.40
CA VAL B 437 -0.91 32.07 9.70
C VAL B 437 -0.84 32.30 8.18
N SER B 438 -1.45 31.41 7.41
CA SER B 438 -1.47 31.55 5.96
C SER B 438 -2.63 32.48 5.59
N ASN B 439 -2.69 32.91 4.33
CA ASN B 439 -3.72 33.86 3.88
C ASN B 439 -4.31 33.51 2.51
N TRP B 440 -4.17 32.26 2.07
CA TRP B 440 -4.65 31.86 0.75
C TRP B 440 -6.15 32.01 0.42
N THR B 441 -7.03 31.87 1.40
CA THR B 441 -8.46 32.03 1.08
C THR B 441 -8.84 33.50 0.94
N ARG B 442 -7.99 34.40 1.42
CA ARG B 442 -8.30 35.83 1.33
C ARG B 442 -7.54 36.58 0.24
N ASP B 443 -6.36 36.09 -0.13
CA ASP B 443 -5.56 36.71 -1.17
C ASP B 443 -6.36 36.62 -2.49
N PRO B 444 -6.69 37.78 -3.10
CA PRO B 444 -7.46 37.71 -4.35
C PRO B 444 -6.76 37.06 -5.54
N TYR B 445 -5.45 36.88 -5.44
CA TYR B 445 -4.73 36.26 -6.53
C TYR B 445 -4.60 34.75 -6.34
N SER B 446 -5.20 34.24 -5.26
CA SER B 446 -5.20 32.80 -4.95
C SER B 446 -6.62 32.25 -4.79
N ARG B 447 -7.37 32.84 -3.86
CA ARG B 447 -8.76 32.43 -3.59
C ARG B 447 -8.86 30.95 -3.29
N GLY B 448 -8.07 30.51 -2.31
CA GLY B 448 -8.06 29.11 -1.93
C GLY B 448 -6.66 28.50 -2.07
N ALA B 449 -6.54 27.23 -1.74
CA ALA B 449 -5.27 26.51 -1.80
C ALA B 449 -4.93 25.91 -3.18
N TYR B 450 -5.70 24.91 -3.61
CA TYR B 450 -5.49 24.24 -4.89
C TYR B 450 -6.71 23.41 -5.28
N SER B 451 -6.66 22.83 -6.49
CA SER B 451 -7.75 22.02 -7.04
C SER B 451 -8.12 20.79 -6.20
N ALA B 452 -9.42 20.59 -6.01
CA ALA B 452 -9.90 19.45 -5.23
C ALA B 452 -11.25 18.98 -5.74
N CYS B 453 -11.65 17.79 -5.31
CA CYS B 453 -12.92 17.23 -5.74
C CYS B 453 -14.01 17.12 -4.68
N PHE B 454 -15.22 17.47 -5.10
CA PHE B 454 -16.41 17.39 -4.26
C PHE B 454 -17.07 16.13 -4.81
N PRO B 455 -17.86 15.41 -4.00
CA PRO B 455 -18.48 14.22 -4.59
C PRO B 455 -19.13 14.52 -5.94
N GLY B 456 -18.90 13.65 -6.91
CA GLY B 456 -19.47 13.85 -8.23
C GLY B 456 -18.56 14.64 -9.17
N ASP B 457 -17.43 15.11 -8.66
CA ASP B 457 -16.51 15.88 -9.48
C ASP B 457 -15.67 14.99 -10.41
N ASP B 458 -15.40 15.50 -11.60
CA ASP B 458 -14.60 14.78 -12.57
C ASP B 458 -13.52 15.74 -13.04
N PRO B 459 -12.34 15.72 -12.40
CA PRO B 459 -11.23 16.60 -12.76
C PRO B 459 -10.71 16.42 -14.19
N VAL B 460 -10.94 15.25 -14.78
CA VAL B 460 -10.49 14.99 -16.14
C VAL B 460 -11.02 16.08 -17.09
N ASP B 461 -12.24 16.54 -16.84
CA ASP B 461 -12.85 17.57 -17.69
C ASP B 461 -12.00 18.83 -17.84
N MET B 462 -11.72 19.46 -16.70
CA MET B 462 -10.92 20.68 -16.69
C MET B 462 -9.55 20.48 -17.32
N VAL B 463 -8.91 19.35 -17.02
CA VAL B 463 -7.58 19.06 -17.54
C VAL B 463 -7.61 19.05 -19.07
N VAL B 464 -8.61 18.38 -19.64
CA VAL B 464 -8.75 18.30 -21.09
C VAL B 464 -9.03 19.66 -21.71
N ALA B 465 -9.98 20.41 -21.14
CA ALA B 465 -10.33 21.73 -21.67
C ALA B 465 -9.13 22.65 -21.62
N MET B 466 -8.42 22.64 -20.50
CA MET B 466 -7.25 23.48 -20.29
C MET B 466 -6.10 23.09 -21.22
N SER B 467 -5.76 21.80 -21.25
CA SER B 467 -4.66 21.37 -22.07
C SER B 467 -4.98 21.52 -23.56
N ASN B 468 -6.25 21.58 -23.92
CA ASN B 468 -6.64 21.76 -25.32
C ASN B 468 -6.57 23.23 -25.72
N GLY B 469 -6.69 24.11 -24.73
CA GLY B 469 -6.59 25.54 -24.98
C GLY B 469 -7.83 26.30 -25.41
N GLN B 470 -7.76 27.63 -25.39
CA GLN B 470 -8.89 28.45 -25.82
C GLN B 470 -8.90 28.38 -27.35
N ASP B 471 -7.71 28.44 -27.94
CA ASP B 471 -7.52 28.32 -29.39
C ASP B 471 -6.02 28.16 -29.59
N SER B 472 -5.56 28.09 -30.84
CA SER B 472 -4.14 27.88 -31.09
C SER B 472 -3.19 28.87 -30.41
N ARG B 473 -3.63 30.10 -30.21
CA ARG B 473 -2.77 31.12 -29.58
C ARG B 473 -2.94 31.34 -28.06
N ILE B 474 -4.13 31.05 -27.54
CA ILE B 474 -4.43 31.26 -26.13
C ILE B 474 -4.35 29.94 -25.35
N ARG B 475 -3.24 29.76 -24.63
CA ARG B 475 -2.99 28.52 -23.90
C ARG B 475 -3.07 28.62 -22.36
N PHE B 476 -3.11 27.47 -21.71
CA PHE B 476 -3.18 27.45 -20.25
C PHE B 476 -2.19 26.49 -19.62
N ALA B 477 -1.73 26.86 -18.43
CA ALA B 477 -0.82 26.04 -17.62
C ALA B 477 -1.19 26.29 -16.15
N GLY B 478 -0.64 25.48 -15.26
CA GLY B 478 -0.96 25.61 -13.86
C GLY B 478 -1.31 24.26 -13.28
N GLU B 479 -1.35 24.16 -11.95
CA GLU B 479 -1.64 22.92 -11.26
C GLU B 479 -2.99 22.26 -11.62
N HIS B 480 -3.91 23.05 -12.15
CA HIS B 480 -5.23 22.56 -12.52
C HIS B 480 -5.34 22.13 -14.00
N THR B 481 -4.24 22.20 -14.74
CA THR B 481 -4.31 21.86 -16.16
C THR B 481 -3.60 20.56 -16.57
N ILE B 482 -3.35 19.66 -15.63
CA ILE B 482 -2.62 18.45 -15.96
C ILE B 482 -2.95 17.29 -15.00
N MET B 483 -2.86 16.06 -15.51
CA MET B 483 -3.17 14.88 -14.68
C MET B 483 -2.04 14.51 -13.71
N ASP B 484 -0.91 14.08 -14.25
CA ASP B 484 0.20 13.71 -13.40
C ASP B 484 0.68 14.91 -12.61
N GLY B 485 0.60 14.81 -11.29
CA GLY B 485 1.03 15.92 -10.45
C GLY B 485 -0.04 16.98 -10.32
N ALA B 486 -1.28 16.58 -10.53
CA ALA B 486 -2.38 17.52 -10.41
C ALA B 486 -2.39 18.05 -8.98
N GLY B 487 -2.51 19.37 -8.83
CA GLY B 487 -2.52 19.96 -7.50
C GLY B 487 -1.16 20.11 -6.86
N CYS B 488 -0.13 19.49 -7.45
CA CYS B 488 1.23 19.56 -6.90
C CYS B 488 2.14 20.57 -7.62
N ALA B 489 3.20 20.99 -6.94
CA ALA B 489 4.16 21.93 -7.48
C ALA B 489 4.80 21.41 -8.78
N TYR B 490 5.08 20.11 -8.84
CA TYR B 490 5.70 19.56 -10.02
C TYR B 490 4.73 19.39 -11.18
N GLY B 491 3.43 19.38 -10.89
CA GLY B 491 2.46 19.26 -11.96
C GLY B 491 2.37 20.60 -12.69
N ALA B 492 2.38 21.68 -11.91
CA ALA B 492 2.32 23.03 -12.46
C ALA B 492 3.61 23.27 -13.26
N TRP B 493 4.71 22.78 -12.69
CA TRP B 493 6.03 22.89 -13.30
C TRP B 493 6.02 22.23 -14.68
N GLU B 494 5.61 20.97 -14.74
CA GLU B 494 5.55 20.25 -16.01
C GLU B 494 4.61 20.89 -17.01
N SER B 495 3.45 21.35 -16.53
CA SER B 495 2.47 21.98 -17.41
C SER B 495 3.07 23.22 -18.08
N GLY B 496 3.96 23.90 -17.39
CA GLY B 496 4.56 25.07 -17.97
C GLY B 496 5.53 24.65 -19.08
N ARG B 497 6.27 23.58 -18.81
CA ARG B 497 7.22 23.05 -19.77
C ARG B 497 6.48 22.61 -21.03
N ARG B 498 5.30 22.04 -20.83
CA ARG B 498 4.44 21.56 -21.92
C ARG B 498 4.02 22.65 -22.91
N GLU B 499 3.47 23.74 -22.40
CA GLU B 499 3.02 24.83 -23.26
C GLU B 499 4.19 25.53 -23.96
N ALA B 500 5.29 25.69 -23.24
CA ALA B 500 6.46 26.33 -23.83
C ALA B 500 7.00 25.47 -24.97
N THR B 501 7.13 24.17 -24.71
CA THR B 501 7.63 23.22 -25.71
C THR B 501 6.74 23.22 -26.95
N ARG B 502 5.43 23.19 -26.76
CA ARG B 502 4.51 23.21 -27.89
C ARG B 502 4.78 24.47 -28.74
N ILE B 503 4.88 25.62 -28.07
CA ILE B 503 5.12 26.87 -28.76
C ILE B 503 6.47 26.87 -29.50
N SER B 504 7.48 26.21 -28.91
CA SER B 504 8.80 26.10 -29.53
C SER B 504 8.74 25.24 -30.78
N ASP B 505 7.92 24.20 -30.74
CA ASP B 505 7.78 23.30 -31.87
C ASP B 505 7.20 24.05 -33.06
N LEU B 506 6.22 24.89 -32.78
CA LEU B 506 5.55 25.69 -33.81
C LEU B 506 6.47 26.75 -34.38
N LEU B 507 7.19 27.46 -33.52
CA LEU B 507 8.10 28.49 -34.00
C LEU B 507 9.28 27.90 -34.77
N LYS B 508 9.47 26.60 -34.63
CA LYS B 508 10.56 25.86 -35.28
C LYS B 508 10.44 26.00 -36.80
N LEU B 509 9.22 25.85 -37.30
CA LEU B 509 8.95 25.94 -38.74
C LEU B 509 9.42 27.26 -39.33
N GLU B 510 9.65 28.25 -38.47
CA GLU B 510 10.10 29.56 -38.92
C GLU B 510 11.47 29.54 -39.56
N HIS B 511 12.14 28.39 -39.51
CA HIS B 511 13.48 28.28 -40.09
C HIS B 511 13.59 27.19 -41.15
N HIS B 512 12.44 26.78 -41.69
CA HIS B 512 12.40 25.75 -42.73
C HIS B 512 12.53 26.43 -44.10
N HIS B 513 13.32 25.84 -44.99
CA HIS B 513 13.53 26.42 -46.32
C HIS B 513 12.31 26.30 -47.24
#